data_9EMK
#
_entry.id   9EMK
#
_cell.length_a   86.808
_cell.length_b   86.808
_cell.length_c   146.539
_cell.angle_alpha   90
_cell.angle_beta   90
_cell.angle_gamma   120
#
_symmetry.space_group_name_H-M   'P 32'
#
loop_
_entity.id
_entity.type
_entity.pdbx_description
1 polymer 'Septation initiation protein'
2 polymer Polyubiquitin-B
3 non-polymer '[(2~{R},3~{S},4~{R},5~{S})-5-[(1-ethyl-1,2,3-triazol-4-yl)methoxy]-3,4-bis(oxidanyl)oxolan-2-yl]methyl ethanesulfonate'
4 water water
#
loop_
_entity_poly.entity_id
_entity_poly.type
_entity_poly.pdbx_seq_one_letter_code
_entity_poly.pdbx_strand_id
1 'polypeptide(L)'
;GAMGSILDPEVLKVAEYVYQERLSKPYTEVGPEWEYNHKTPYATRATGTGHNLQRFITIDDQRLHRPIHGLAHTMRTLFY
SQLMYEAAKRQPHPHRCADGRTIADLSVQDLKKLNIAQLFFVAGRESEASYGDAYHRYHLYGAKQFEAYARKHLTHLFSE
KEIVLYSRCIEDRIGDRFDETAEGYLIHLSHMIDLMRCKSPVEVFIGHSRGVSGIVPTLIQLFGREDGLDIMHYARSLFA
ATGEAVPYISSSEWPHLGIESDRVERALKIVGSLEVEGQEADAKKTAQAGFSVDGCYGALVKIDTPDWYHQVKEKEDYDV
DEVIALPPQITIREEPPKTNESFLLSL
;
A,C,E
2 'polypeptide(L)' MQIFVKTLTGKTITLEVEPSDTIENVKAKIQDKEGIPPDQQ(ABA)LIFAGKQLEDGRTLSDYNIQKESTLHLVLRLRGG B,D,F
#
loop_
_chem_comp.id
_chem_comp.type
_chem_comp.name
_chem_comp.formula
A1H50 non-polymer '[(2~{R},3~{S},4~{R},5~{S})-5-[(1-ethyl-1,2,3-triazol-4-yl)methoxy]-3,4-bis(oxidanyl)oxolan-2-yl]methyl ethanesulfonate' 'C10 H17 N3 O7 S'
#
# COMPACT_ATOMS: atom_id res chain seq x y z
N GLY A 1 1.02 -23.59 38.33
CA GLY A 1 1.37 -24.12 37.00
C GLY A 1 2.61 -23.35 36.52
N ALA A 2 2.76 -23.27 35.20
CA ALA A 2 3.84 -22.57 34.50
C ALA A 2 4.48 -23.45 33.39
N MET A 3 4.04 -23.33 32.13
CA MET A 3 4.21 -24.46 31.25
C MET A 3 5.68 -24.79 30.99
N GLY A 4 6.54 -23.79 30.80
CA GLY A 4 7.91 -23.97 30.38
C GLY A 4 7.99 -24.43 28.92
N SER A 5 9.25 -24.54 28.45
CA SER A 5 9.57 -24.80 27.07
C SER A 5 9.29 -26.26 26.79
N ILE A 6 8.31 -26.52 25.92
CA ILE A 6 7.84 -27.84 25.50
C ILE A 6 8.31 -28.17 24.08
N LEU A 7 8.75 -27.20 23.29
CA LEU A 7 9.09 -27.46 21.90
C LEU A 7 10.60 -27.67 21.80
N ASP A 8 11.00 -28.84 21.30
CA ASP A 8 12.42 -29.09 21.18
C ASP A 8 12.98 -28.21 20.05
N PRO A 9 14.32 -28.20 19.90
CA PRO A 9 14.97 -27.31 18.92
C PRO A 9 14.57 -27.55 17.48
N GLU A 10 14.27 -28.80 17.15
CA GLU A 10 13.79 -29.12 15.81
C GLU A 10 12.46 -28.43 15.48
N VAL A 11 11.52 -28.44 16.43
CA VAL A 11 10.20 -27.85 16.22
C VAL A 11 10.38 -26.35 16.03
N LEU A 12 11.28 -25.72 16.82
CA LEU A 12 11.46 -24.27 16.81
C LEU A 12 12.08 -23.90 15.46
N LYS A 13 13.02 -24.71 14.99
CA LYS A 13 13.60 -24.48 13.69
C LYS A 13 12.53 -24.51 12.62
N VAL A 14 11.56 -25.43 12.75
CA VAL A 14 10.56 -25.51 11.72
C VAL A 14 9.70 -24.24 11.84
N ALA A 15 9.39 -23.80 13.08
CA ALA A 15 8.62 -22.57 13.29
C ALA A 15 9.31 -21.38 12.62
N GLU A 16 10.63 -21.35 12.74
CA GLU A 16 11.47 -20.32 12.16
C GLU A 16 11.35 -20.35 10.63
N TYR A 17 11.33 -21.54 10.02
CA TYR A 17 11.15 -21.64 8.58
C TYR A 17 9.76 -21.12 8.15
N VAL A 18 8.72 -21.59 8.83
CA VAL A 18 7.35 -21.23 8.50
C VAL A 18 7.17 -19.73 8.70
N TYR A 19 7.78 -19.15 9.73
CA TYR A 19 7.69 -17.71 9.90
C TYR A 19 8.42 -16.96 8.76
N GLN A 20 9.66 -17.33 8.47
CA GLN A 20 10.44 -16.68 7.42
C GLN A 20 9.73 -16.78 6.07
N GLU A 21 9.21 -17.95 5.75
CA GLU A 21 8.76 -18.27 4.43
C GLU A 21 7.30 -17.86 4.25
N ARG A 22 6.49 -17.88 5.30
CA ARG A 22 5.05 -17.81 5.04
C ARG A 22 4.42 -16.77 5.94
N LEU A 23 4.50 -16.95 7.26
CA LEU A 23 3.68 -16.14 8.16
C LEU A 23 4.13 -14.68 8.25
N SER A 24 5.39 -14.36 7.96
CA SER A 24 5.87 -13.00 7.97
C SER A 24 5.52 -12.27 6.66
N LYS A 25 5.02 -13.01 5.65
CA LYS A 25 4.87 -12.42 4.31
C LYS A 25 3.55 -11.66 4.22
N PRO A 26 3.46 -10.52 3.47
CA PRO A 26 2.18 -9.90 3.14
C PRO A 26 1.24 -10.93 2.51
N TYR A 27 -0.04 -10.88 2.91
CA TYR A 27 -1.14 -11.41 2.10
C TYR A 27 -1.10 -10.86 0.67
N THR A 28 -1.29 -11.75 -0.30
CA THR A 28 -1.19 -11.36 -1.72
C THR A 28 -2.53 -11.35 -2.45
N GLU A 29 -3.60 -11.99 -1.94
CA GLU A 29 -4.88 -11.96 -2.66
C GLU A 29 -5.75 -10.84 -2.11
N VAL A 30 -5.27 -9.61 -2.34
CA VAL A 30 -5.79 -8.44 -1.69
C VAL A 30 -5.89 -7.34 -2.72
N GLY A 31 -6.63 -6.28 -2.33
CA GLY A 31 -6.82 -5.08 -3.15
C GLY A 31 -8.11 -5.13 -3.96
N PRO A 32 -8.36 -4.11 -4.82
CA PRO A 32 -9.64 -3.98 -5.55
C PRO A 32 -10.08 -5.21 -6.34
N GLU A 33 -9.10 -5.91 -6.92
CA GLU A 33 -9.38 -7.05 -7.75
C GLU A 33 -9.85 -8.24 -6.90
N TRP A 34 -9.86 -8.13 -5.55
CA TRP A 34 -10.34 -9.18 -4.67
C TRP A 34 -11.49 -8.72 -3.76
N GLU A 35 -12.08 -7.56 -4.03
CA GLU A 35 -13.34 -7.18 -3.42
C GLU A 35 -14.47 -8.10 -3.90
N TYR A 36 -15.58 -8.13 -3.14
CA TYR A 36 -16.72 -8.97 -3.45
C TYR A 36 -18.07 -8.40 -2.97
N ASN A 37 -19.09 -8.60 -3.79
CA ASN A 37 -20.46 -8.39 -3.38
C ASN A 37 -21.33 -9.50 -3.99
N HIS A 38 -22.19 -10.12 -3.17
CA HIS A 38 -23.12 -11.17 -3.60
C HIS A 38 -23.79 -10.81 -4.93
N LYS A 39 -24.13 -9.52 -5.08
CA LYS A 39 -24.91 -9.02 -6.21
C LYS A 39 -24.08 -8.91 -7.50
N THR A 40 -22.76 -8.99 -7.42
CA THR A 40 -21.95 -8.99 -8.62
C THR A 40 -20.89 -10.08 -8.45
N PRO A 41 -21.26 -11.38 -8.37
CA PRO A 41 -20.35 -12.43 -7.87
C PRO A 41 -18.99 -12.58 -8.59
N TYR A 42 -19.00 -12.24 -9.90
CA TYR A 42 -17.89 -12.48 -10.81
C TYR A 42 -17.33 -11.14 -11.31
N ALA A 43 -17.55 -10.05 -10.57
CA ALA A 43 -17.00 -8.75 -10.98
C ALA A 43 -15.49 -8.71 -10.76
N THR A 44 -14.99 -9.50 -9.78
CA THR A 44 -13.57 -9.51 -9.48
C THR A 44 -13.08 -10.96 -9.47
N ARG A 45 -11.83 -11.14 -9.04
CA ARG A 45 -11.23 -12.44 -8.85
C ARG A 45 -11.81 -13.16 -7.64
N ALA A 46 -12.34 -12.41 -6.67
CA ALA A 46 -12.95 -13.03 -5.50
C ALA A 46 -14.30 -13.63 -5.82
N THR A 47 -14.59 -14.78 -5.19
CA THR A 47 -15.90 -15.38 -5.24
C THR A 47 -16.51 -15.39 -3.84
N GLY A 48 -15.98 -14.53 -2.94
CA GLY A 48 -16.51 -14.34 -1.60
C GLY A 48 -15.87 -13.17 -0.83
N THR A 49 -16.31 -12.98 0.42
CA THR A 49 -15.92 -11.84 1.21
C THR A 49 -14.64 -12.14 1.98
N GLY A 50 -13.93 -11.06 2.37
CA GLY A 50 -12.93 -11.19 3.39
C GLY A 50 -11.49 -10.96 2.90
N HIS A 51 -11.27 -10.92 1.57
CA HIS A 51 -9.92 -10.76 1.08
C HIS A 51 -9.19 -9.53 1.64
N ASN A 52 -9.90 -8.42 1.87
CA ASN A 52 -9.26 -7.19 2.31
C ASN A 52 -9.48 -6.90 3.79
N LEU A 53 -9.97 -7.86 4.56
CA LEU A 53 -10.08 -7.72 6.00
C LEU A 53 -8.68 -7.87 6.64
N GLN A 54 -8.31 -6.94 7.52
CA GLN A 54 -7.27 -7.11 8.51
C GLN A 54 -5.98 -7.61 7.83
N ARG A 55 -5.58 -7.02 6.72
CA ARG A 55 -4.39 -7.48 6.04
C ARG A 55 -3.10 -7.34 6.88
N PHE A 56 -3.02 -6.26 7.66
CA PHE A 56 -1.89 -5.92 8.50
C PHE A 56 -2.38 -4.87 9.49
N ILE A 57 -1.68 -4.74 10.62
CA ILE A 57 -1.86 -3.61 11.54
C ILE A 57 -0.50 -2.91 11.76
N THR A 58 -0.53 -1.64 12.13
CA THR A 58 0.68 -0.86 12.36
C THR A 58 0.94 -0.77 13.85
N ILE A 59 2.17 -1.15 14.28
CA ILE A 59 2.65 -1.05 15.65
C ILE A 59 4.07 -0.51 15.62
N ASP A 60 4.35 0.54 16.41
CA ASP A 60 5.66 1.19 16.40
C ASP A 60 6.18 1.30 14.96
N ASP A 61 5.36 1.83 14.04
CA ASP A 61 5.75 2.05 12.65
C ASP A 61 5.99 0.78 11.85
N GLN A 62 5.71 -0.39 12.42
CA GLN A 62 6.03 -1.63 11.73
C GLN A 62 4.71 -2.29 11.34
N ARG A 63 4.60 -2.69 10.07
CA ARG A 63 3.46 -3.46 9.65
C ARG A 63 3.58 -4.88 10.20
N LEU A 64 2.63 -5.31 11.02
CA LEU A 64 2.50 -6.72 11.33
C LEU A 64 1.48 -7.30 10.35
N HIS A 65 1.93 -8.18 9.45
CA HIS A 65 1.08 -8.74 8.41
C HIS A 65 0.26 -9.88 9.01
N ARG A 66 -0.91 -10.10 8.40
CA ARG A 66 -1.77 -11.22 8.72
C ARG A 66 -1.91 -11.44 10.23
N PRO A 67 -2.21 -10.36 10.99
CA PRO A 67 -2.32 -10.43 12.44
C PRO A 67 -3.26 -11.47 13.05
N ILE A 68 -4.33 -11.83 12.34
CA ILE A 68 -5.30 -12.79 12.84
C ILE A 68 -4.75 -14.23 12.66
N HIS A 69 -4.02 -14.51 11.57
CA HIS A 69 -3.49 -15.84 11.32
C HIS A 69 -1.99 -15.76 11.11
N GLY A 70 -1.31 -15.16 12.08
CA GLY A 70 0.12 -15.00 12.01
C GLY A 70 0.82 -15.95 12.97
N LEU A 71 2.00 -15.55 13.45
CA LEU A 71 2.86 -16.37 14.29
C LEU A 71 2.21 -16.71 15.61
N ALA A 72 1.62 -15.70 16.25
CA ALA A 72 1.10 -15.86 17.59
C ALA A 72 -0.05 -16.86 17.57
N HIS A 73 -0.98 -16.68 16.62
CA HIS A 73 -2.10 -17.58 16.41
C HIS A 73 -1.55 -19.01 16.28
N THR A 74 -0.56 -19.18 15.41
CA THR A 74 -0.03 -20.49 15.11
C THR A 74 0.61 -21.09 16.38
N MET A 75 1.47 -20.31 17.05
CA MET A 75 2.22 -20.81 18.22
C MET A 75 1.24 -21.20 19.33
N ARG A 76 0.22 -20.33 19.56
CA ARG A 76 -0.84 -20.62 20.50
C ARG A 76 -1.42 -22.03 20.30
N THR A 77 -1.66 -22.44 19.07
CA THR A 77 -2.28 -23.74 18.86
C THR A 77 -1.38 -24.90 19.33
N LEU A 78 -0.04 -24.72 19.30
CA LEU A 78 0.90 -25.73 19.75
C LEU A 78 0.77 -25.92 21.25
N PHE A 79 0.50 -24.83 21.95
CA PHE A 79 0.37 -24.87 23.40
C PHE A 79 -0.96 -25.52 23.78
N TYR A 80 -2.01 -25.21 23.02
CA TYR A 80 -3.31 -25.86 23.25
C TYR A 80 -3.25 -27.40 23.12
N SER A 81 -2.61 -27.91 22.06
CA SER A 81 -2.55 -29.34 21.82
C SER A 81 -1.74 -30.06 22.92
N GLN A 82 -0.75 -29.35 23.47
CA GLN A 82 0.04 -29.90 24.56
C GLN A 82 -0.88 -30.05 25.76
N LEU A 83 -1.62 -28.98 26.08
CA LEU A 83 -2.51 -29.02 27.23
C LEU A 83 -3.56 -30.13 27.09
N MET A 84 -4.21 -30.21 25.93
CA MET A 84 -5.27 -31.19 25.72
C MET A 84 -4.74 -32.63 25.66
N TYR A 85 -3.51 -32.82 25.23
CA TYR A 85 -2.88 -34.13 25.31
C TYR A 85 -2.94 -34.63 26.75
N GLU A 86 -2.45 -33.80 27.68
CA GLU A 86 -2.50 -34.18 29.08
C GLU A 86 -3.95 -34.37 29.54
N ALA A 87 -4.86 -33.48 29.10
CA ALA A 87 -6.26 -33.51 29.51
C ALA A 87 -6.93 -34.84 29.14
N ALA A 88 -6.58 -35.31 27.94
CA ALA A 88 -7.11 -36.55 27.39
C ALA A 88 -6.70 -37.73 28.26
N LYS A 89 -5.49 -37.67 28.84
CA LYS A 89 -4.99 -38.74 29.70
C LYS A 89 -5.81 -38.77 30.98
N ARG A 90 -6.52 -37.68 31.31
CA ARG A 90 -7.32 -37.71 32.52
C ARG A 90 -8.72 -38.24 32.26
N GLN A 91 -9.04 -38.65 31.03
CA GLN A 91 -10.41 -39.05 30.73
C GLN A 91 -10.52 -40.56 30.69
N PRO A 92 -11.55 -41.13 31.35
CA PRO A 92 -11.71 -42.59 31.35
C PRO A 92 -12.24 -43.13 30.03
N HIS A 93 -12.94 -42.28 29.24
CA HIS A 93 -13.60 -42.70 27.99
C HIS A 93 -13.45 -41.62 26.93
N PRO A 94 -12.23 -41.42 26.41
CA PRO A 94 -11.95 -40.35 25.46
C PRO A 94 -12.73 -40.55 24.18
N HIS A 95 -12.90 -39.44 23.44
CA HIS A 95 -13.72 -39.43 22.25
C HIS A 95 -13.06 -40.28 21.19
N ARG A 96 -13.83 -41.16 20.57
CA ARG A 96 -13.33 -42.06 19.53
C ARG A 96 -13.53 -41.44 18.14
N CYS A 97 -12.42 -41.16 17.45
CA CYS A 97 -12.45 -40.58 16.10
C CYS A 97 -12.79 -41.66 15.04
N ALA A 98 -13.03 -41.23 13.79
CA ALA A 98 -13.54 -42.12 12.77
C ALA A 98 -12.51 -43.18 12.44
N ASP A 99 -11.26 -42.98 12.86
CA ASP A 99 -10.22 -43.95 12.58
C ASP A 99 -10.17 -44.98 13.71
N GLY A 100 -11.10 -44.89 14.69
CA GLY A 100 -11.08 -45.77 15.86
C GLY A 100 -10.10 -45.34 16.96
N ARG A 101 -9.43 -44.17 16.83
CA ARG A 101 -8.38 -43.81 17.78
C ARG A 101 -8.78 -42.56 18.56
N THR A 102 -8.04 -42.28 19.64
CA THR A 102 -8.32 -41.14 20.49
C THR A 102 -7.04 -40.34 20.64
N ILE A 103 -7.17 -39.17 21.26
CA ILE A 103 -6.01 -38.33 21.51
C ILE A 103 -5.01 -39.08 22.40
N ALA A 104 -5.50 -39.90 23.32
CA ALA A 104 -4.63 -40.52 24.31
C ALA A 104 -3.78 -41.63 23.70
N ASP A 105 -4.12 -42.04 22.46
CA ASP A 105 -3.34 -43.04 21.73
C ASP A 105 -2.16 -42.44 20.96
N LEU A 106 -2.03 -41.10 20.97
CA LEU A 106 -0.87 -40.47 20.37
C LEU A 106 0.28 -40.63 21.37
N SER A 107 1.48 -40.94 20.87
CA SER A 107 2.71 -40.88 21.65
C SER A 107 3.21 -39.44 21.70
N VAL A 108 4.24 -39.21 22.51
CA VAL A 108 4.95 -37.94 22.57
C VAL A 108 5.61 -37.66 21.22
N GLN A 109 6.14 -38.68 20.55
CA GLN A 109 6.73 -38.48 19.25
C GLN A 109 5.67 -38.03 18.25
N ASP A 110 4.46 -38.63 18.37
CA ASP A 110 3.34 -38.27 17.52
C ASP A 110 3.01 -36.80 17.72
N LEU A 111 3.05 -36.37 18.99
CA LEU A 111 2.68 -35.03 19.36
C LEU A 111 3.67 -34.07 18.72
N LYS A 112 4.95 -34.44 18.73
CA LYS A 112 5.94 -33.60 18.09
C LYS A 112 5.61 -33.40 16.59
N LYS A 113 5.35 -34.49 15.89
CA LYS A 113 5.05 -34.41 14.46
C LYS A 113 3.76 -33.62 14.23
N LEU A 114 2.77 -33.80 15.13
CA LEU A 114 1.53 -33.07 15.04
C LEU A 114 1.80 -31.59 15.19
N ASN A 115 2.63 -31.21 16.17
CA ASN A 115 2.96 -29.82 16.41
C ASN A 115 3.58 -29.17 15.17
N ILE A 116 4.46 -29.93 14.52
CA ILE A 116 5.12 -29.47 13.31
C ILE A 116 4.06 -29.26 12.23
N ALA A 117 3.09 -30.18 12.10
CA ALA A 117 2.01 -29.96 11.16
C ALA A 117 1.19 -28.73 11.52
N GLN A 118 0.99 -28.49 12.82
CA GLN A 118 0.23 -27.30 13.23
C GLN A 118 0.88 -26.00 12.73
N LEU A 119 2.19 -25.97 12.62
CA LEU A 119 2.89 -24.77 12.21
C LEU A 119 2.46 -24.34 10.80
N PHE A 120 2.13 -25.29 9.93
CA PHE A 120 1.74 -25.02 8.56
C PHE A 120 0.21 -24.84 8.37
N PHE A 121 -0.57 -25.05 9.44
CA PHE A 121 -2.00 -25.20 9.31
C PHE A 121 -2.63 -24.01 8.55
N VAL A 122 -2.21 -22.79 8.84
CA VAL A 122 -2.82 -21.64 8.22
C VAL A 122 -1.78 -20.90 7.37
N ALA A 123 -0.61 -21.54 7.17
CA ALA A 123 0.52 -20.97 6.47
C ALA A 123 0.23 -20.72 5.00
N GLY A 124 -0.67 -21.51 4.39
CA GLY A 124 -1.00 -21.37 2.98
C GLY A 124 -1.93 -20.18 2.68
N ARG A 125 -2.47 -19.51 3.71
CA ARG A 125 -3.41 -18.43 3.51
C ARG A 125 -2.84 -17.29 2.67
N GLU A 126 -3.67 -16.68 1.82
CA GLU A 126 -3.23 -15.53 1.05
C GLU A 126 -4.05 -14.27 1.33
N SER A 127 -4.94 -14.37 2.34
CA SER A 127 -5.88 -13.34 2.75
C SER A 127 -6.69 -13.87 3.94
N GLU A 128 -7.51 -12.99 4.49
CA GLU A 128 -8.52 -13.41 5.45
C GLU A 128 -9.79 -13.95 4.78
N ALA A 129 -9.78 -14.21 3.48
CA ALA A 129 -10.99 -14.74 2.86
C ALA A 129 -11.42 -16.00 3.61
N SER A 130 -12.74 -16.03 3.86
CA SER A 130 -13.46 -16.91 4.75
C SER A 130 -14.20 -18.03 4.00
N TYR A 131 -14.87 -17.65 2.90
CA TYR A 131 -15.68 -18.57 2.10
C TYR A 131 -14.88 -19.84 1.73
N GLY A 132 -15.65 -20.85 1.34
CA GLY A 132 -15.23 -22.24 1.16
C GLY A 132 -14.11 -22.41 0.15
N ASP A 133 -14.28 -21.85 -1.03
CA ASP A 133 -13.25 -21.98 -2.05
C ASP A 133 -11.92 -21.47 -1.49
N ALA A 134 -11.92 -20.30 -0.85
CA ALA A 134 -10.68 -19.71 -0.36
C ALA A 134 -10.11 -20.60 0.74
N TYR A 135 -10.96 -20.99 1.71
CA TYR A 135 -10.51 -21.83 2.81
C TYR A 135 -9.84 -23.11 2.30
N HIS A 136 -10.50 -23.76 1.35
CA HIS A 136 -10.02 -25.04 0.84
C HIS A 136 -8.74 -24.86 0.04
N ARG A 137 -8.66 -23.80 -0.79
CA ARG A 137 -7.46 -23.49 -1.55
C ARG A 137 -6.29 -23.21 -0.60
N TYR A 138 -6.51 -22.37 0.41
CA TYR A 138 -5.45 -22.00 1.32
C TYR A 138 -4.98 -23.19 2.16
N HIS A 139 -5.86 -24.10 2.58
CA HIS A 139 -5.42 -25.27 3.33
C HIS A 139 -4.66 -26.23 2.42
N LEU A 140 -5.09 -26.37 1.17
CA LEU A 140 -4.33 -27.16 0.23
C LEU A 140 -2.93 -26.56 0.07
N TYR A 141 -2.83 -25.22 0.07
CA TYR A 141 -1.55 -24.55 -0.12
C TYR A 141 -0.64 -24.88 1.07
N GLY A 142 -1.21 -24.80 2.29
CA GLY A 142 -0.48 -25.08 3.51
C GLY A 142 -0.03 -26.54 3.55
N ALA A 143 -0.88 -27.42 3.02
CA ALA A 143 -0.58 -28.84 2.97
C ALA A 143 0.61 -29.09 2.07
N LYS A 144 0.64 -28.39 0.93
CA LYS A 144 1.68 -28.58 -0.08
C LYS A 144 3.00 -27.99 0.45
N GLN A 145 2.92 -26.89 1.21
CA GLN A 145 4.10 -26.25 1.74
C GLN A 145 4.72 -27.17 2.79
N PHE A 146 3.87 -27.75 3.65
CA PHE A 146 4.26 -28.75 4.61
C PHE A 146 4.98 -29.89 3.91
N GLU A 147 4.39 -30.41 2.84
CA GLU A 147 4.97 -31.57 2.18
C GLU A 147 6.33 -31.25 1.60
N ALA A 148 6.46 -30.07 0.99
CA ALA A 148 7.70 -29.69 0.33
C ALA A 148 8.80 -29.56 1.38
N TYR A 149 8.46 -29.02 2.54
CA TYR A 149 9.48 -28.89 3.58
C TYR A 149 9.82 -30.27 4.17
N ALA A 150 8.78 -31.05 4.46
CA ALA A 150 8.97 -32.31 5.17
C ALA A 150 9.75 -33.30 4.31
N ARG A 151 9.46 -33.34 3.00
CA ARG A 151 10.13 -34.27 2.13
C ARG A 151 11.60 -33.89 1.92
N LYS A 152 11.95 -32.62 2.04
CA LYS A 152 13.34 -32.23 1.90
C LYS A 152 14.06 -32.42 3.26
N HIS A 153 13.45 -31.99 4.36
CA HIS A 153 14.25 -31.79 5.56
C HIS A 153 13.84 -32.66 6.73
N LEU A 154 12.71 -33.36 6.68
CA LEU A 154 12.25 -34.09 7.87
C LEU A 154 12.13 -35.60 7.61
N THR A 155 12.77 -36.15 6.58
CA THR A 155 12.55 -37.56 6.26
C THR A 155 13.22 -38.45 7.30
N HIS A 156 14.07 -37.90 8.15
CA HIS A 156 14.65 -38.69 9.23
C HIS A 156 13.61 -38.82 10.35
N LEU A 157 12.50 -38.08 10.25
CA LEU A 157 11.55 -37.89 11.35
C LEU A 157 10.18 -38.48 10.97
N PHE A 158 9.61 -38.02 9.85
CA PHE A 158 8.33 -38.50 9.33
C PHE A 158 8.53 -39.58 8.26
N SER A 159 7.78 -40.69 8.39
CA SER A 159 7.63 -41.62 7.28
C SER A 159 6.75 -41.01 6.21
N GLU A 160 6.83 -41.59 5.01
CA GLU A 160 6.02 -41.20 3.87
C GLU A 160 4.54 -41.31 4.24
N LYS A 161 4.13 -42.38 4.91
CA LYS A 161 2.79 -42.52 5.44
C LYS A 161 2.41 -41.31 6.30
N GLU A 162 3.33 -40.88 7.16
CA GLU A 162 3.03 -39.83 8.13
C GLU A 162 3.01 -38.48 7.43
N ILE A 163 3.85 -38.34 6.38
CA ILE A 163 3.78 -37.12 5.62
C ILE A 163 2.37 -37.01 4.98
N VAL A 164 1.84 -38.14 4.50
CA VAL A 164 0.55 -38.13 3.82
C VAL A 164 -0.55 -37.77 4.82
N LEU A 165 -0.59 -38.45 5.97
CA LEU A 165 -1.59 -38.22 6.99
C LEU A 165 -1.58 -36.76 7.46
N TYR A 166 -0.40 -36.21 7.82
CA TYR A 166 -0.33 -34.84 8.31
C TYR A 166 -0.72 -33.84 7.23
N SER A 167 -0.35 -34.12 5.96
CA SER A 167 -0.77 -33.31 4.84
C SER A 167 -2.29 -33.26 4.75
N ARG A 168 -2.94 -34.42 4.79
CA ARG A 168 -4.38 -34.50 4.81
C ARG A 168 -5.00 -33.74 5.98
N CYS A 169 -4.39 -33.83 7.16
CA CYS A 169 -4.81 -33.06 8.32
C CYS A 169 -4.83 -31.59 7.97
N ILE A 170 -3.76 -31.08 7.33
CA ILE A 170 -3.66 -29.67 7.03
C ILE A 170 -4.64 -29.29 5.91
N GLU A 171 -4.80 -30.17 4.97
CA GLU A 171 -5.59 -29.93 3.77
C GLU A 171 -7.04 -29.71 4.11
N ASP A 172 -7.57 -30.44 5.09
CA ASP A 172 -8.97 -30.39 5.46
C ASP A 172 -9.81 -30.54 4.21
N ARG A 173 -9.75 -31.75 3.63
CA ARG A 173 -10.38 -32.05 2.37
C ARG A 173 -11.87 -32.19 2.55
N ILE A 174 -12.59 -31.82 1.52
CA ILE A 174 -14.03 -31.87 1.57
C ILE A 174 -14.45 -33.35 1.65
N GLY A 175 -15.25 -33.67 2.68
CA GLY A 175 -15.79 -35.00 2.93
C GLY A 175 -15.21 -35.59 4.22
N ASP A 176 -14.02 -35.12 4.58
CA ASP A 176 -13.39 -35.46 5.83
C ASP A 176 -14.01 -34.71 7.00
N ARG A 177 -14.28 -35.48 8.04
CA ARG A 177 -14.99 -35.02 9.21
C ARG A 177 -14.03 -34.33 10.18
N PHE A 178 -14.57 -33.56 11.13
CA PHE A 178 -13.75 -32.85 12.08
C PHE A 178 -12.93 -33.89 12.87
N ASP A 179 -13.55 -35.06 13.17
CA ASP A 179 -12.87 -36.10 13.91
C ASP A 179 -12.54 -37.30 13.01
N GLU A 180 -11.99 -37.04 11.82
CA GLU A 180 -11.63 -38.10 10.86
C GLU A 180 -10.52 -38.98 11.45
N THR A 181 -9.49 -38.33 12.02
CA THR A 181 -8.37 -38.97 12.69
C THR A 181 -8.13 -38.27 14.03
N ALA A 182 -7.44 -38.97 14.93
CA ALA A 182 -7.14 -38.40 16.23
C ALA A 182 -6.20 -37.23 16.04
N GLU A 183 -5.29 -37.37 15.08
CA GLU A 183 -4.33 -36.31 14.80
C GLU A 183 -5.11 -35.09 14.32
N GLY A 184 -5.99 -35.32 13.34
CA GLY A 184 -6.77 -34.25 12.76
C GLY A 184 -7.63 -33.55 13.81
N TYR A 185 -8.29 -34.36 14.66
CA TYR A 185 -9.17 -33.87 15.69
C TYR A 185 -8.44 -32.86 16.57
N LEU A 186 -7.29 -33.29 17.08
CA LEU A 186 -6.47 -32.49 17.97
C LEU A 186 -6.06 -31.17 17.30
N ILE A 187 -5.64 -31.22 16.04
CA ILE A 187 -5.33 -30.02 15.26
C ILE A 187 -6.54 -29.08 15.19
N HIS A 188 -7.70 -29.63 14.86
CA HIS A 188 -8.90 -28.81 14.72
C HIS A 188 -9.36 -28.25 16.05
N LEU A 189 -9.39 -29.08 17.11
CA LEU A 189 -9.73 -28.59 18.45
C LEU A 189 -8.87 -27.39 18.81
N SER A 190 -7.56 -27.48 18.51
CA SER A 190 -6.61 -26.44 18.87
C SER A 190 -6.92 -25.14 18.13
N HIS A 191 -7.22 -25.23 16.83
CA HIS A 191 -7.66 -24.09 16.05
C HIS A 191 -8.96 -23.53 16.63
N MET A 192 -9.88 -24.42 16.97
CA MET A 192 -11.19 -23.99 17.45
C MET A 192 -11.07 -23.10 18.69
N ILE A 193 -10.27 -23.56 19.65
CA ILE A 193 -10.06 -22.85 20.92
C ILE A 193 -9.64 -21.41 20.64
N ASP A 194 -8.69 -21.23 19.70
CA ASP A 194 -8.19 -19.91 19.37
C ASP A 194 -9.28 -18.97 18.83
N LEU A 195 -10.35 -19.48 18.21
CA LEU A 195 -11.41 -18.61 17.70
C LEU A 195 -12.13 -17.84 18.83
N MET A 196 -12.01 -18.28 20.09
CA MET A 196 -12.68 -17.55 21.16
C MET A 196 -12.29 -16.07 21.20
N ARG A 197 -11.08 -15.74 20.73
CA ARG A 197 -10.54 -14.38 20.78
C ARG A 197 -11.37 -13.42 19.92
N CYS A 198 -12.13 -13.94 18.93
CA CYS A 198 -12.77 -13.09 17.96
C CYS A 198 -14.20 -13.54 17.66
N LYS A 199 -14.82 -14.40 18.46
CA LYS A 199 -16.23 -14.68 18.30
C LYS A 199 -17.10 -14.11 19.42
N SER A 200 -18.42 -14.02 19.15
CA SER A 200 -19.40 -13.53 20.10
C SER A 200 -19.73 -14.60 21.14
N PRO A 201 -20.36 -14.23 22.26
CA PRO A 201 -20.69 -15.18 23.32
C PRO A 201 -21.53 -16.32 22.75
N VAL A 202 -22.27 -16.03 21.67
CA VAL A 202 -23.15 -17.01 21.06
C VAL A 202 -22.37 -18.17 20.46
N GLU A 203 -21.36 -17.90 19.65
CA GLU A 203 -20.59 -19.00 19.06
C GLU A 203 -19.78 -19.74 20.14
N VAL A 204 -19.20 -18.99 21.08
CA VAL A 204 -18.34 -19.59 22.09
C VAL A 204 -19.13 -20.45 23.09
N PHE A 205 -20.31 -19.97 23.59
CA PHE A 205 -20.97 -20.64 24.68
C PHE A 205 -22.28 -21.31 24.26
N ILE A 206 -22.91 -20.88 23.18
CA ILE A 206 -24.27 -21.32 22.92
C ILE A 206 -24.36 -22.18 21.67
N GLY A 207 -23.61 -21.88 20.61
CA GLY A 207 -23.67 -22.65 19.38
C GLY A 207 -24.32 -21.81 18.27
N HIS A 208 -23.64 -21.68 17.12
CA HIS A 208 -24.07 -20.83 16.00
C HIS A 208 -25.24 -21.46 15.25
N SER A 209 -25.74 -22.60 15.75
CA SER A 209 -26.85 -23.34 15.18
C SER A 209 -27.40 -24.38 16.12
N ARG A 210 -28.67 -24.80 15.95
CA ARG A 210 -29.22 -25.84 16.81
C ARG A 210 -28.39 -27.11 16.73
N GLY A 211 -27.83 -27.44 15.55
CA GLY A 211 -26.94 -28.59 15.40
C GLY A 211 -25.66 -28.52 16.26
N VAL A 212 -24.91 -27.41 16.17
CA VAL A 212 -23.52 -27.30 16.65
C VAL A 212 -23.47 -26.89 18.13
N SER A 213 -22.58 -27.53 18.90
CA SER A 213 -22.67 -27.43 20.35
C SER A 213 -22.12 -26.08 20.89
N GLY A 214 -21.10 -25.49 20.25
CA GLY A 214 -20.45 -24.32 20.81
C GLY A 214 -19.04 -24.67 21.33
N ILE A 215 -18.12 -23.71 21.34
CA ILE A 215 -16.71 -24.01 21.54
C ILE A 215 -16.47 -24.57 22.95
N VAL A 216 -16.95 -23.84 23.94
CA VAL A 216 -16.71 -24.18 25.32
C VAL A 216 -17.53 -25.40 25.69
N PRO A 217 -18.85 -25.51 25.37
CA PRO A 217 -19.57 -26.78 25.48
C PRO A 217 -18.84 -27.97 24.88
N THR A 218 -18.14 -27.78 23.75
CA THR A 218 -17.37 -28.84 23.10
C THR A 218 -16.18 -29.26 23.98
N LEU A 219 -15.47 -28.26 24.49
CA LEU A 219 -14.40 -28.53 25.45
C LEU A 219 -14.90 -29.29 26.70
N ILE A 220 -16.14 -28.98 27.10
CA ILE A 220 -16.73 -29.57 28.30
C ILE A 220 -17.18 -31.03 28.06
N GLN A 221 -17.75 -31.35 26.90
CA GLN A 221 -18.18 -32.70 26.55
C GLN A 221 -16.97 -33.63 26.43
N LEU A 222 -15.84 -33.09 25.99
CA LEU A 222 -14.66 -33.87 25.75
C LEU A 222 -13.94 -34.07 27.07
N PHE A 223 -13.83 -33.00 27.87
CA PHE A 223 -12.87 -32.97 28.96
C PHE A 223 -13.51 -32.87 30.35
N GLY A 224 -14.84 -32.82 30.43
CA GLY A 224 -15.52 -32.46 31.68
C GLY A 224 -15.51 -30.93 31.88
N ARG A 225 -16.40 -30.47 32.74
CA ARG A 225 -16.56 -29.04 32.93
C ARG A 225 -15.30 -28.43 33.55
N GLU A 226 -14.65 -29.15 34.48
CA GLU A 226 -13.57 -28.57 35.25
C GLU A 226 -12.37 -28.39 34.32
N ASP A 227 -11.99 -29.46 33.65
CA ASP A 227 -10.86 -29.37 32.78
C ASP A 227 -11.20 -28.47 31.58
N GLY A 228 -12.44 -28.55 31.09
CA GLY A 228 -12.83 -27.77 29.92
C GLY A 228 -12.73 -26.27 30.21
N LEU A 229 -13.25 -25.83 31.36
CA LEU A 229 -13.13 -24.44 31.78
C LEU A 229 -11.68 -24.04 32.01
N ASP A 230 -10.88 -24.94 32.57
CA ASP A 230 -9.48 -24.61 32.75
C ASP A 230 -8.79 -24.37 31.39
N ILE A 231 -9.06 -25.23 30.42
CA ILE A 231 -8.56 -25.04 29.07
C ILE A 231 -8.99 -23.67 28.54
N MET A 232 -10.29 -23.35 28.69
CA MET A 232 -10.82 -22.08 28.25
C MET A 232 -10.00 -20.95 28.87
N HIS A 233 -9.81 -21.01 30.20
CA HIS A 233 -9.10 -19.93 30.89
C HIS A 233 -7.67 -19.82 30.40
N TYR A 234 -7.05 -20.98 30.21
CA TYR A 234 -5.67 -21.04 29.75
C TYR A 234 -5.55 -20.30 28.41
N ALA A 235 -6.46 -20.60 27.49
CA ALA A 235 -6.45 -19.95 26.19
C ALA A 235 -6.63 -18.44 26.33
N ARG A 236 -7.49 -17.99 27.23
CA ARG A 236 -7.67 -16.54 27.39
C ARG A 236 -6.40 -15.86 27.91
N SER A 237 -5.67 -16.56 28.81
CA SER A 237 -4.41 -16.06 29.32
C SER A 237 -3.35 -16.07 28.20
N LEU A 238 -3.42 -16.95 27.20
CA LEU A 238 -2.47 -16.90 26.08
C LEU A 238 -2.81 -15.71 25.15
N PHE A 239 -4.09 -15.42 24.99
CA PHE A 239 -4.49 -14.22 24.28
C PHE A 239 -3.80 -13.00 24.92
N ALA A 240 -3.98 -12.85 26.24
CA ALA A 240 -3.41 -11.70 26.96
C ALA A 240 -1.91 -11.71 26.90
N ALA A 241 -1.26 -12.88 27.00
CA ALA A 241 0.20 -12.94 26.91
C ALA A 241 0.73 -12.47 25.56
N THR A 242 -0.01 -12.76 24.48
CA THR A 242 0.41 -12.34 23.15
C THR A 242 -0.23 -11.01 22.76
N GLY A 243 -0.82 -10.29 23.72
CA GLY A 243 -1.26 -8.92 23.46
C GLY A 243 -2.61 -8.80 22.75
N GLU A 244 -3.31 -9.92 22.58
CA GLU A 244 -4.60 -9.91 21.92
C GLU A 244 -5.68 -9.45 22.91
N ALA A 245 -6.72 -8.83 22.35
CA ALA A 245 -7.90 -8.49 23.09
C ALA A 245 -8.51 -9.76 23.65
N VAL A 246 -8.85 -9.73 24.92
CA VAL A 246 -9.57 -10.82 25.56
C VAL A 246 -11.02 -10.36 25.68
N PRO A 247 -11.97 -11.13 25.14
CA PRO A 247 -13.39 -10.81 25.30
C PRO A 247 -13.80 -11.00 26.75
N TYR A 248 -14.81 -10.27 27.19
CA TYR A 248 -15.43 -10.54 28.47
C TYR A 248 -16.32 -11.77 28.32
N ILE A 249 -16.77 -12.28 29.49
CA ILE A 249 -17.77 -13.35 29.55
C ILE A 249 -18.82 -12.91 30.55
N SER A 250 -20.10 -13.07 30.19
CA SER A 250 -21.21 -12.82 31.12
C SER A 250 -22.36 -13.77 30.82
N SER A 251 -22.47 -14.84 31.63
CA SER A 251 -23.51 -15.82 31.41
C SER A 251 -24.89 -15.25 31.74
N SER A 252 -24.95 -14.23 32.61
CA SER A 252 -26.23 -13.61 32.94
C SER A 252 -26.82 -12.87 31.73
N GLU A 253 -25.95 -12.48 30.81
CA GLU A 253 -26.33 -11.70 29.65
C GLU A 253 -26.82 -12.61 28.52
N TRP A 254 -26.57 -13.92 28.65
CA TRP A 254 -26.85 -14.85 27.57
C TRP A 254 -28.33 -14.83 27.14
N PRO A 255 -29.32 -14.70 28.04
CA PRO A 255 -30.71 -14.66 27.57
C PRO A 255 -31.05 -13.38 26.78
N HIS A 256 -30.12 -12.45 26.63
CA HIS A 256 -30.43 -11.16 26.02
C HIS A 256 -29.74 -11.02 24.67
N LEU A 257 -29.40 -12.16 24.04
CA LEU A 257 -28.64 -12.14 22.79
C LEU A 257 -29.48 -12.68 21.63
N GLY A 258 -30.81 -12.74 21.84
CA GLY A 258 -31.80 -13.18 20.87
C GLY A 258 -31.64 -14.66 20.50
N ILE A 259 -31.46 -15.51 21.49
CA ILE A 259 -31.43 -16.94 21.27
C ILE A 259 -32.57 -17.56 22.08
N GLU A 260 -33.11 -18.68 21.59
CA GLU A 260 -34.30 -19.26 22.21
C GLU A 260 -33.93 -19.75 23.61
N SER A 261 -34.74 -19.37 24.62
CA SER A 261 -34.44 -19.69 26.01
C SER A 261 -34.02 -21.16 26.17
N ASP A 262 -34.64 -22.06 25.39
CA ASP A 262 -34.21 -23.42 25.14
C ASP A 262 -32.67 -23.60 25.21
N ARG A 263 -31.98 -22.94 24.27
CA ARG A 263 -30.56 -23.14 24.06
C ARG A 263 -29.73 -22.40 25.10
N VAL A 264 -30.25 -21.28 25.61
CA VAL A 264 -29.62 -20.52 26.68
C VAL A 264 -29.54 -21.39 27.94
N GLU A 265 -30.68 -21.98 28.34
CA GLU A 265 -30.76 -22.89 29.46
C GLU A 265 -29.82 -24.08 29.23
N ARG A 266 -29.80 -24.63 28.01
CA ARG A 266 -28.90 -25.74 27.72
C ARG A 266 -27.44 -25.36 28.08
N ALA A 267 -26.95 -24.25 27.51
CA ALA A 267 -25.59 -23.78 27.74
C ALA A 267 -25.36 -23.51 29.23
N LEU A 268 -26.36 -22.95 29.92
CA LEU A 268 -26.22 -22.69 31.36
C LEU A 268 -25.98 -23.97 32.16
N LYS A 269 -26.75 -25.02 31.85
CA LYS A 269 -26.64 -26.31 32.50
C LYS A 269 -25.30 -26.99 32.21
N ILE A 270 -24.74 -26.73 31.03
CA ILE A 270 -23.45 -27.32 30.68
C ILE A 270 -22.31 -26.52 31.33
N VAL A 271 -22.31 -25.19 31.15
CA VAL A 271 -21.17 -24.35 31.44
C VAL A 271 -21.21 -23.82 32.87
N GLY A 272 -22.44 -23.60 33.36
CA GLY A 272 -22.66 -22.86 34.59
C GLY A 272 -22.31 -21.37 34.43
N SER A 273 -22.43 -20.63 35.54
CA SER A 273 -22.30 -19.18 35.50
C SER A 273 -20.83 -18.81 35.32
N LEU A 274 -20.61 -17.78 34.48
CA LEU A 274 -19.30 -17.18 34.27
C LEU A 274 -19.46 -15.67 34.20
N GLU A 275 -18.70 -14.94 35.01
CA GLU A 275 -18.57 -13.50 34.89
C GLU A 275 -17.08 -13.18 34.89
N VAL A 276 -16.51 -12.86 33.72
CA VAL A 276 -15.12 -12.46 33.72
C VAL A 276 -14.91 -11.28 32.78
N GLU A 277 -14.07 -10.33 33.23
CA GLU A 277 -13.94 -9.06 32.52
C GLU A 277 -13.01 -9.32 31.34
N GLY A 278 -13.25 -8.56 30.26
CA GLY A 278 -12.40 -8.60 29.08
C GLY A 278 -11.20 -7.69 29.31
N GLN A 279 -10.43 -7.46 28.24
CA GLN A 279 -9.21 -6.69 28.34
C GLN A 279 -8.83 -6.20 26.95
N GLU A 280 -8.38 -4.96 26.87
CA GLU A 280 -7.98 -4.38 25.62
C GLU A 280 -6.68 -5.03 25.16
N ALA A 281 -6.55 -5.10 23.83
CA ALA A 281 -5.33 -5.51 23.17
C ALA A 281 -4.17 -4.60 23.58
N ASP A 282 -2.96 -5.16 23.70
CA ASP A 282 -1.75 -4.44 24.05
C ASP A 282 -0.82 -4.49 22.85
N ALA A 283 -0.56 -3.34 22.22
CA ALA A 283 0.25 -3.30 21.00
C ALA A 283 1.68 -3.80 21.20
N LYS A 284 2.32 -3.51 22.32
CA LYS A 284 3.71 -3.87 22.56
C LYS A 284 3.84 -5.41 22.61
N LYS A 285 2.94 -6.10 23.31
CA LYS A 285 2.99 -7.54 23.38
C LYS A 285 2.60 -8.20 22.06
N THR A 286 1.63 -7.58 21.35
CA THR A 286 1.28 -7.97 19.98
C THR A 286 2.52 -7.98 19.07
N ALA A 287 3.31 -6.90 19.13
CA ALA A 287 4.53 -6.85 18.35
C ALA A 287 5.55 -7.93 18.77
N GLN A 288 5.69 -8.09 20.09
CA GLN A 288 6.64 -9.03 20.67
C GLN A 288 6.30 -10.44 20.16
N ALA A 289 5.01 -10.75 20.12
CA ALA A 289 4.60 -12.10 19.77
C ALA A 289 4.52 -12.34 18.26
N GLY A 290 4.48 -11.26 17.45
CA GLY A 290 4.20 -11.41 16.04
C GLY A 290 5.42 -11.38 15.14
N PHE A 291 6.53 -10.74 15.63
CA PHE A 291 7.70 -10.47 14.80
C PHE A 291 8.89 -11.43 14.97
N SER A 292 8.81 -12.44 15.85
CA SER A 292 9.87 -13.44 15.97
C SER A 292 9.38 -14.64 16.78
N VAL A 293 9.92 -15.81 16.44
CA VAL A 293 9.62 -17.03 17.18
C VAL A 293 10.05 -16.89 18.64
N ASP A 294 11.25 -16.41 18.93
CA ASP A 294 11.70 -16.25 20.31
C ASP A 294 10.79 -15.34 21.13
N GLY A 295 10.41 -14.17 20.56
CA GLY A 295 9.46 -13.26 21.17
C GLY A 295 8.15 -13.98 21.53
N CYS A 296 7.53 -14.61 20.54
CA CYS A 296 6.31 -15.34 20.80
C CYS A 296 6.49 -16.49 21.80
N TYR A 297 7.50 -17.32 21.59
CA TYR A 297 7.75 -18.47 22.44
C TYR A 297 8.00 -18.06 23.90
N GLY A 298 8.85 -17.04 24.13
CA GLY A 298 9.20 -16.59 25.45
C GLY A 298 7.99 -16.02 26.20
N ALA A 299 7.00 -15.52 25.45
CA ALA A 299 5.81 -14.99 26.11
C ALA A 299 4.92 -16.16 26.50
N LEU A 300 4.86 -17.22 25.69
CA LEU A 300 3.93 -18.33 25.96
C LEU A 300 4.40 -19.28 27.08
N VAL A 301 5.70 -19.58 27.15
CA VAL A 301 6.26 -20.57 28.06
C VAL A 301 6.04 -20.15 29.50
N LYS A 302 5.99 -18.84 29.72
CA LYS A 302 5.85 -18.25 31.04
C LYS A 302 4.50 -18.51 31.66
N ILE A 303 3.47 -18.76 30.86
CA ILE A 303 2.13 -18.57 31.38
C ILE A 303 1.77 -19.80 32.20
N ASP A 304 1.10 -19.59 33.33
CA ASP A 304 0.65 -20.65 34.22
C ASP A 304 -0.32 -21.62 33.56
N THR A 305 -0.16 -22.91 33.84
CA THR A 305 -1.12 -23.92 33.41
C THR A 305 -2.02 -24.26 34.58
N PRO A 306 -3.12 -25.02 34.37
CA PRO A 306 -3.75 -25.72 35.50
C PRO A 306 -2.70 -26.67 36.07
N ASP A 307 -2.85 -26.96 37.36
CA ASP A 307 -1.99 -27.88 38.09
C ASP A 307 -2.07 -29.29 37.47
N TRP A 308 -3.19 -29.71 36.87
CA TRP A 308 -3.29 -31.11 36.41
C TRP A 308 -2.44 -31.36 35.17
N TYR A 309 -2.08 -30.28 34.48
CA TYR A 309 -1.14 -30.36 33.36
C TYR A 309 0.14 -31.04 33.82
N HIS A 310 0.59 -30.64 34.99
CA HIS A 310 1.86 -31.11 35.53
C HIS A 310 1.77 -32.44 36.29
N GLN A 311 0.58 -32.99 36.60
CA GLN A 311 0.50 -34.17 37.48
C GLN A 311 0.83 -35.44 36.70
N VAL A 312 1.26 -36.47 37.44
CA VAL A 312 1.58 -37.79 36.86
C VAL A 312 0.32 -38.50 36.29
N MET B 1 -36.70 3.25 23.85
CA MET B 1 -36.26 2.18 24.79
C MET B 1 -34.73 2.17 24.83
N GLN B 2 -34.18 1.28 25.67
CA GLN B 2 -32.76 1.16 25.91
C GLN B 2 -32.26 -0.25 25.55
N ILE B 3 -31.23 -0.30 24.68
CA ILE B 3 -30.49 -1.51 24.37
C ILE B 3 -29.01 -1.21 24.63
N PHE B 4 -28.19 -2.27 24.68
CA PHE B 4 -26.76 -2.14 24.86
C PHE B 4 -26.04 -2.59 23.60
N VAL B 5 -24.98 -1.85 23.21
CA VAL B 5 -24.07 -2.28 22.15
C VAL B 5 -22.66 -2.42 22.75
N LYS B 6 -22.05 -3.62 22.59
CA LYS B 6 -20.77 -3.93 23.22
C LYS B 6 -19.71 -4.46 22.25
N THR B 7 -18.47 -3.97 22.37
CA THR B 7 -17.34 -4.66 21.76
C THR B 7 -17.22 -6.00 22.47
N LEU B 8 -16.46 -6.90 21.86
CA LEU B 8 -16.18 -8.21 22.44
C LEU B 8 -15.53 -8.09 23.81
N THR B 9 -14.78 -6.99 24.08
CA THR B 9 -14.05 -6.82 25.33
C THR B 9 -14.95 -6.30 26.44
N GLY B 10 -16.11 -5.76 26.05
CA GLY B 10 -17.12 -5.34 27.01
C GLY B 10 -17.32 -3.82 27.02
N LYS B 11 -16.65 -3.06 26.15
CA LYS B 11 -16.91 -1.63 26.10
C LYS B 11 -18.34 -1.43 25.65
N THR B 12 -19.16 -0.81 26.50
CA THR B 12 -20.61 -0.78 26.32
C THR B 12 -21.06 0.64 26.06
N ILE B 13 -21.87 0.83 25.01
CA ILE B 13 -22.60 2.09 24.84
C ILE B 13 -24.10 1.82 24.87
N THR B 14 -24.80 2.61 25.70
CA THR B 14 -26.25 2.52 25.89
C THR B 14 -26.95 3.44 24.90
N LEU B 15 -27.92 2.91 24.15
CA LEU B 15 -28.61 3.68 23.12
C LEU B 15 -30.10 3.84 23.42
N GLU B 16 -30.64 5.01 23.05
CA GLU B 16 -32.07 5.25 23.00
C GLU B 16 -32.52 5.15 21.55
N VAL B 17 -33.64 4.44 21.30
CA VAL B 17 -34.48 4.64 20.14
C VAL B 17 -35.45 3.47 20.09
N GLU B 18 -35.82 3.02 18.89
CA GLU B 18 -37.11 2.39 18.66
C GLU B 18 -37.00 1.17 17.75
N PRO B 19 -37.99 0.25 17.78
CA PRO B 19 -38.03 -0.89 16.87
C PRO B 19 -38.03 -0.45 15.40
N SER B 20 -38.57 0.75 15.17
CA SER B 20 -38.75 1.36 13.86
C SER B 20 -37.42 1.57 13.12
N ASP B 21 -36.33 1.75 13.87
CA ASP B 21 -35.04 2.03 13.25
C ASP B 21 -34.54 0.78 12.51
N THR B 22 -33.83 1.01 11.40
CA THR B 22 -33.09 -0.04 10.70
C THR B 22 -31.72 -0.22 11.40
N ILE B 23 -30.93 -1.22 10.98
CA ILE B 23 -29.64 -1.40 11.61
C ILE B 23 -28.67 -0.33 11.08
N GLU B 24 -28.82 0.04 9.79
CA GLU B 24 -28.09 1.16 9.21
C GLU B 24 -28.31 2.42 10.06
N ASN B 25 -29.56 2.59 10.51
CA ASN B 25 -30.00 3.67 11.38
C ASN B 25 -29.21 3.63 12.69
N VAL B 26 -29.12 2.44 13.30
CA VAL B 26 -28.49 2.33 14.61
C VAL B 26 -26.98 2.54 14.46
N LYS B 27 -26.41 2.09 13.32
CA LYS B 27 -25.01 2.30 13.01
C LYS B 27 -24.69 3.79 12.84
N ALA B 28 -25.58 4.54 12.16
CA ALA B 28 -25.45 5.98 12.08
C ALA B 28 -25.47 6.60 13.48
N LYS B 29 -26.30 6.06 14.38
CA LYS B 29 -26.41 6.54 15.75
C LYS B 29 -25.10 6.32 16.50
N ILE B 30 -24.53 5.12 16.40
CA ILE B 30 -23.23 4.80 16.97
C ILE B 30 -22.16 5.76 16.43
N GLN B 31 -22.20 6.03 15.12
CA GLN B 31 -21.36 7.05 14.48
C GLN B 31 -21.39 8.37 15.25
N ASP B 32 -22.58 8.87 15.60
CA ASP B 32 -22.70 10.22 16.12
C ASP B 32 -22.15 10.32 17.54
N LYS B 33 -22.24 9.22 18.30
CA LYS B 33 -21.70 9.13 19.64
C LYS B 33 -20.19 9.03 19.57
N GLU B 34 -19.71 7.90 19.03
CA GLU B 34 -18.32 7.51 19.16
C GLU B 34 -17.52 7.79 17.89
N GLY B 35 -18.19 8.11 16.77
CA GLY B 35 -17.51 8.63 15.59
C GLY B 35 -16.99 7.53 14.66
N ILE B 36 -17.54 6.31 14.77
CA ILE B 36 -17.08 5.18 13.96
C ILE B 36 -17.92 5.14 12.69
N PRO B 37 -17.28 5.17 11.48
CA PRO B 37 -18.04 5.10 10.23
C PRO B 37 -18.78 3.77 10.13
N PRO B 38 -20.05 3.76 9.64
CA PRO B 38 -20.85 2.53 9.52
C PRO B 38 -20.24 1.41 8.70
N ASP B 39 -19.38 1.75 7.72
CA ASP B 39 -18.76 0.76 6.84
C ASP B 39 -17.78 -0.11 7.63
N GLN B 40 -17.26 0.42 8.74
CA GLN B 40 -16.34 -0.29 9.63
C GLN B 40 -17.09 -1.07 10.71
N GLN B 41 -18.42 -0.93 10.76
CA GLN B 41 -19.19 -1.49 11.86
C GLN B 41 -19.82 -2.79 11.36
N ABA B 42 -19.56 -3.88 12.08
CA ABA B 42 -20.37 -5.08 12.01
C ABA B 42 -21.14 -5.19 13.33
O ABA B 42 -20.53 -5.30 14.38
CB ABA B 42 -19.58 -6.35 11.78
CG ABA B 42 -19.48 -7.77 12.34
H ABA B 42 -18.84 -3.89 12.63
HG1 ABA B 42 -19.55 -7.77 13.32
HG2 ABA B 42 -20.22 -8.31 12.02
N LEU B 43 -22.48 -5.11 13.26
CA LEU B 43 -23.33 -5.45 14.40
C LEU B 43 -23.66 -6.94 14.31
N ILE B 44 -23.68 -7.58 15.49
CA ILE B 44 -23.99 -8.98 15.64
C ILE B 44 -25.26 -9.07 16.47
N PHE B 45 -26.04 -10.12 16.20
CA PHE B 45 -27.15 -10.51 17.05
C PHE B 45 -27.44 -11.97 16.77
N ALA B 46 -27.64 -12.76 17.83
CA ALA B 46 -27.79 -14.21 17.69
C ALA B 46 -26.59 -14.83 16.97
N GLY B 47 -25.39 -14.28 17.23
CA GLY B 47 -24.16 -14.78 16.62
C GLY B 47 -24.11 -14.70 15.09
N LYS B 48 -24.99 -13.89 14.46
CA LYS B 48 -25.01 -13.68 13.01
C LYS B 48 -24.92 -12.18 12.72
N GLN B 49 -24.08 -11.80 11.76
CA GLN B 49 -23.90 -10.42 11.32
C GLN B 49 -25.19 -9.91 10.69
N LEU B 50 -25.56 -8.66 11.02
CA LEU B 50 -26.82 -8.08 10.59
C LEU B 50 -26.62 -7.30 9.29
N GLU B 51 -27.63 -7.28 8.43
CA GLU B 51 -27.59 -6.48 7.20
C GLU B 51 -28.31 -5.15 7.41
N ASP B 52 -27.70 -4.07 6.86
CA ASP B 52 -28.03 -2.66 7.07
C ASP B 52 -29.52 -2.35 6.91
N GLY B 53 -30.17 -3.05 5.95
CA GLY B 53 -31.49 -2.68 5.47
C GLY B 53 -32.59 -2.99 6.48
N ARG B 54 -32.44 -4.07 7.24
CA ARG B 54 -33.58 -4.59 7.99
C ARG B 54 -33.73 -3.81 9.30
N THR B 55 -34.92 -3.92 9.91
CA THR B 55 -35.23 -3.19 11.13
C THR B 55 -34.86 -4.04 12.36
N LEU B 56 -34.87 -3.39 13.54
CA LEU B 56 -34.64 -4.04 14.82
C LEU B 56 -35.77 -5.04 15.09
N SER B 57 -36.98 -4.70 14.61
CA SER B 57 -38.16 -5.55 14.74
C SER B 57 -37.94 -6.92 14.10
N ASP B 58 -37.16 -6.98 13.01
CA ASP B 58 -36.98 -8.23 12.28
C ASP B 58 -36.10 -9.21 13.05
N TYR B 59 -35.03 -8.72 13.67
CA TYR B 59 -34.13 -9.59 14.43
C TYR B 59 -34.59 -9.62 15.88
N ASN B 60 -35.84 -9.16 16.11
CA ASN B 60 -36.56 -9.21 17.37
C ASN B 60 -35.76 -8.55 18.50
N ILE B 61 -35.06 -7.47 18.17
CA ILE B 61 -34.27 -6.72 19.15
C ILE B 61 -35.22 -5.93 20.04
N GLN B 62 -35.17 -6.15 21.35
CA GLN B 62 -36.10 -5.47 22.24
C GLN B 62 -35.34 -4.91 23.43
N LYS B 63 -36.13 -4.45 24.42
CA LYS B 63 -35.69 -3.86 25.66
C LYS B 63 -34.50 -4.61 26.22
N GLU B 64 -33.41 -3.88 26.48
CA GLU B 64 -32.18 -4.38 27.09
C GLU B 64 -31.57 -5.59 26.36
N SER B 65 -31.79 -5.74 25.05
CA SER B 65 -31.00 -6.65 24.22
C SER B 65 -29.55 -6.18 24.17
N THR B 66 -28.60 -7.14 24.09
CA THR B 66 -27.21 -6.83 23.76
C THR B 66 -26.88 -7.20 22.31
N LEU B 67 -26.59 -6.16 21.50
CA LEU B 67 -25.91 -6.32 20.22
C LEU B 67 -24.41 -6.27 20.46
N HIS B 68 -23.65 -7.02 19.65
CA HIS B 68 -22.20 -6.92 19.70
C HIS B 68 -21.69 -6.15 18.49
N LEU B 69 -20.60 -5.40 18.70
CA LEU B 69 -19.97 -4.57 17.70
C LEU B 69 -18.50 -4.99 17.58
N VAL B 70 -18.09 -5.42 16.38
CA VAL B 70 -16.69 -5.47 16.02
C VAL B 70 -16.41 -4.39 14.98
N LEU B 71 -15.17 -3.87 15.00
CA LEU B 71 -14.68 -2.90 14.03
C LEU B 71 -13.92 -3.62 12.93
N ARG B 72 -14.47 -3.67 11.72
CA ARG B 72 -13.64 -4.05 10.59
C ARG B 72 -12.54 -3.00 10.44
N LEU B 73 -11.36 -3.33 10.99
CA LEU B 73 -10.12 -2.79 10.48
C LEU B 73 -9.88 -3.53 9.17
N ARG B 74 -10.15 -2.84 8.06
CA ARG B 74 -9.50 -3.22 6.83
C ARG B 74 -8.02 -3.18 7.14
N GLY B 75 -7.21 -3.88 6.34
CA GLY B 75 -5.77 -3.86 6.53
C GLY B 75 -5.19 -2.45 6.44
N GLY B 76 -5.15 -1.76 7.60
CA GLY B 76 -4.49 -0.48 7.77
C GLY B 76 -3.78 -0.37 9.12
N ALA C 2 -40.69 22.73 -18.40
CA ALA C 2 -39.40 22.03 -18.44
C ALA C 2 -38.82 22.04 -17.03
N MET C 3 -38.86 20.83 -16.41
CA MET C 3 -37.98 20.39 -15.33
C MET C 3 -37.30 19.09 -15.83
N GLY C 4 -36.36 18.46 -15.11
CA GLY C 4 -35.36 17.61 -15.75
C GLY C 4 -35.83 16.25 -16.26
N SER C 5 -34.99 15.47 -16.92
CA SER C 5 -35.30 14.09 -17.25
C SER C 5 -35.69 13.25 -16.02
N ILE C 6 -36.94 12.74 -16.03
CA ILE C 6 -37.38 11.74 -15.07
C ILE C 6 -36.60 10.46 -15.39
N LEU C 7 -35.81 9.96 -14.45
CA LEU C 7 -35.12 8.69 -14.58
C LEU C 7 -36.05 7.61 -14.01
N ASP C 8 -36.19 6.44 -14.66
CA ASP C 8 -37.22 5.54 -14.17
C ASP C 8 -36.69 4.80 -12.95
N PRO C 9 -37.56 4.24 -12.10
CA PRO C 9 -37.14 3.58 -10.86
C PRO C 9 -36.13 2.46 -11.02
N GLU C 10 -36.02 1.94 -12.26
CA GLU C 10 -35.12 0.83 -12.51
C GLU C 10 -33.71 1.37 -12.56
N VAL C 11 -33.53 2.53 -13.18
CA VAL C 11 -32.24 3.19 -13.28
C VAL C 11 -31.81 3.67 -11.88
N LEU C 12 -32.78 4.11 -11.06
CA LEU C 12 -32.50 4.64 -9.74
C LEU C 12 -32.15 3.49 -8.78
N LYS C 13 -32.86 2.36 -8.90
CA LYS C 13 -32.47 1.13 -8.24
C LYS C 13 -31.02 0.78 -8.58
N VAL C 14 -30.59 0.83 -9.84
CA VAL C 14 -29.20 0.52 -10.16
C VAL C 14 -28.25 1.57 -9.54
N ALA C 15 -28.67 2.83 -9.58
CA ALA C 15 -27.86 3.90 -8.99
C ALA C 15 -27.68 3.67 -7.49
N GLU C 16 -28.71 3.12 -6.84
CA GLU C 16 -28.68 2.78 -5.43
C GLU C 16 -27.56 1.78 -5.12
N TYR C 17 -27.49 0.73 -5.93
CA TYR C 17 -26.48 -0.31 -5.79
C TYR C 17 -25.08 0.23 -6.08
N VAL C 18 -24.96 0.99 -7.17
CA VAL C 18 -23.66 1.52 -7.53
C VAL C 18 -23.23 2.50 -6.44
N TYR C 19 -24.17 3.23 -5.84
CA TYR C 19 -23.79 4.17 -4.81
C TYR C 19 -23.34 3.40 -3.56
N GLN C 20 -24.15 2.45 -3.13
CA GLN C 20 -23.86 1.68 -1.93
C GLN C 20 -22.57 0.90 -2.07
N GLU C 21 -22.31 0.31 -3.23
CA GLU C 21 -21.24 -0.67 -3.32
C GLU C 21 -19.94 -0.05 -3.83
N ARG C 22 -19.99 1.15 -4.43
CA ARG C 22 -18.82 1.66 -5.15
C ARG C 22 -18.61 3.16 -4.88
N LEU C 23 -19.57 4.02 -5.25
CA LEU C 23 -19.31 5.46 -5.25
C LEU C 23 -19.20 5.97 -3.82
N SER C 24 -19.83 5.26 -2.86
CA SER C 24 -19.77 5.63 -1.46
C SER C 24 -18.47 5.14 -0.79
N LYS C 25 -17.75 4.19 -1.42
CA LYS C 25 -16.56 3.58 -0.85
C LYS C 25 -15.33 4.51 -0.87
N PRO C 26 -14.48 4.47 0.17
CA PRO C 26 -13.14 5.04 0.11
C PRO C 26 -12.30 4.51 -1.05
N TYR C 27 -11.57 5.43 -1.67
CA TYR C 27 -10.48 5.11 -2.57
C TYR C 27 -9.51 4.20 -1.83
N THR C 28 -8.97 3.20 -2.53
CA THR C 28 -8.02 2.29 -1.89
C THR C 28 -6.58 2.54 -2.35
N GLU C 29 -6.32 3.09 -3.54
CA GLU C 29 -4.93 3.27 -3.96
C GLU C 29 -4.40 4.61 -3.44
N VAL C 30 -4.13 4.64 -2.14
CA VAL C 30 -3.83 5.86 -1.39
C VAL C 30 -2.77 5.51 -0.37
N GLY C 31 -2.10 6.53 0.19
CA GLY C 31 -1.07 6.29 1.16
C GLY C 31 0.32 6.31 0.52
N PRO C 32 1.36 6.07 1.35
CA PRO C 32 2.76 6.13 0.91
C PRO C 32 3.10 5.32 -0.35
N GLU C 33 2.52 4.12 -0.48
CA GLU C 33 2.76 3.28 -1.65
C GLU C 33 2.41 3.97 -2.97
N TRP C 34 1.56 5.00 -2.91
CA TRP C 34 1.00 5.58 -4.11
C TRP C 34 1.33 7.06 -4.22
N GLU C 35 2.27 7.53 -3.38
CA GLU C 35 2.95 8.81 -3.54
C GLU C 35 3.74 8.76 -4.84
N TYR C 36 4.12 9.90 -5.38
CA TYR C 36 4.90 9.91 -6.59
C TYR C 36 5.94 11.01 -6.53
N ASN C 37 7.21 10.64 -6.77
CA ASN C 37 8.28 11.59 -7.01
C ASN C 37 8.80 11.37 -8.42
N HIS C 38 8.66 12.39 -9.29
CA HIS C 38 9.10 12.34 -10.69
C HIS C 38 10.58 11.98 -10.74
N LYS C 39 11.31 12.31 -9.68
CA LYS C 39 12.73 12.06 -9.61
C LYS C 39 13.02 10.58 -9.45
N THR C 40 12.06 9.80 -8.92
CA THR C 40 12.26 8.36 -8.75
C THR C 40 11.01 7.67 -9.26
N PRO C 41 10.86 7.60 -10.60
CA PRO C 41 9.55 7.39 -11.21
C PRO C 41 8.90 6.09 -10.78
N TYR C 42 9.74 5.11 -10.38
CA TYR C 42 9.29 3.73 -10.15
C TYR C 42 9.56 3.28 -8.72
N ALA C 43 9.86 4.22 -7.80
CA ALA C 43 10.06 3.92 -6.38
C ALA C 43 8.80 3.42 -5.67
N THR C 44 7.64 3.81 -6.18
CA THR C 44 6.33 3.58 -5.60
C THR C 44 5.55 2.72 -6.56
N ARG C 45 4.30 2.44 -6.24
CA ARG C 45 3.44 1.74 -7.15
C ARG C 45 2.80 2.73 -8.14
N ALA C 46 2.79 4.01 -7.77
CA ALA C 46 2.24 5.05 -8.61
C ALA C 46 3.25 5.41 -9.72
N THR C 47 2.79 5.70 -10.93
CA THR C 47 3.70 6.20 -11.96
C THR C 47 3.22 7.60 -12.39
N GLY C 48 2.48 8.26 -11.51
CA GLY C 48 1.99 9.60 -11.78
C GLY C 48 1.32 10.16 -10.52
N THR C 49 0.82 11.37 -10.72
CA THR C 49 0.33 12.28 -9.70
C THR C 49 -1.11 11.93 -9.40
N GLY C 50 -1.60 12.23 -8.18
CA GLY C 50 -3.04 12.34 -7.98
C GLY C 50 -3.63 11.34 -6.98
N HIS C 51 -2.93 10.19 -6.75
CA HIS C 51 -3.46 9.14 -5.89
C HIS C 51 -3.93 9.67 -4.52
N ASN C 52 -3.24 10.65 -3.95
CA ASN C 52 -3.48 11.08 -2.59
C ASN C 52 -4.26 12.39 -2.49
N LEU C 53 -4.66 12.94 -3.64
CA LEU C 53 -5.44 14.17 -3.70
C LEU C 53 -6.95 13.89 -3.63
N GLN C 54 -7.67 14.70 -2.86
CA GLN C 54 -9.11 14.79 -2.93
C GLN C 54 -9.73 13.42 -2.66
N ARG C 55 -9.11 12.69 -1.73
CA ARG C 55 -9.67 11.42 -1.30
C ARG C 55 -11.06 11.62 -0.68
N PHE C 56 -11.23 12.68 0.10
CA PHE C 56 -12.52 12.92 0.71
C PHE C 56 -12.62 14.38 1.12
N ILE C 57 -13.83 14.80 1.44
CA ILE C 57 -13.98 16.03 2.19
C ILE C 57 -14.80 15.70 3.41
N THR C 58 -14.81 16.62 4.40
CA THR C 58 -15.57 16.45 5.61
C THR C 58 -16.65 17.52 5.69
N ILE C 59 -17.89 17.10 5.90
CA ILE C 59 -19.00 18.04 6.02
C ILE C 59 -19.83 17.69 7.26
N ASP C 60 -19.96 18.65 8.20
CA ASP C 60 -20.62 18.38 9.45
C ASP C 60 -20.15 17.02 9.97
N ASP C 61 -18.82 16.88 10.10
CA ASP C 61 -18.16 15.72 10.67
C ASP C 61 -18.46 14.42 9.91
N GLN C 62 -18.90 14.53 8.67
CA GLN C 62 -19.20 13.38 7.84
C GLN C 62 -18.23 13.34 6.67
N ARG C 63 -17.53 12.22 6.48
CA ARG C 63 -16.63 12.08 5.36
C ARG C 63 -17.42 11.73 4.10
N LEU C 64 -17.34 12.62 3.10
CA LEU C 64 -17.83 12.30 1.78
C LEU C 64 -16.65 11.80 0.96
N HIS C 65 -16.64 10.50 0.60
CA HIS C 65 -15.52 9.93 -0.16
C HIS C 65 -15.65 10.31 -1.64
N ARG C 66 -14.50 10.29 -2.35
CA ARG C 66 -14.39 10.52 -3.78
C ARG C 66 -15.26 11.71 -4.19
N PRO C 67 -15.09 12.87 -3.56
CA PRO C 67 -15.97 13.99 -3.83
C PRO C 67 -16.11 14.36 -5.31
N ILE C 68 -15.06 14.16 -6.10
CA ILE C 68 -15.00 14.59 -7.49
C ILE C 68 -15.70 13.57 -8.38
N HIS C 69 -15.55 12.29 -8.04
CA HIS C 69 -16.07 11.23 -8.87
C HIS C 69 -17.06 10.39 -8.08
N GLY C 70 -18.03 11.09 -7.49
CA GLY C 70 -19.03 10.52 -6.61
C GLY C 70 -20.40 10.44 -7.31
N LEU C 71 -21.44 10.48 -6.49
CA LEU C 71 -22.78 10.28 -6.91
C LEU C 71 -23.23 11.50 -7.68
N ALA C 72 -22.85 12.70 -7.23
CA ALA C 72 -23.30 13.91 -7.90
C ALA C 72 -22.78 13.96 -9.33
N HIS C 73 -21.46 13.84 -9.49
CA HIS C 73 -20.81 13.67 -10.80
C HIS C 73 -21.58 12.68 -11.68
N THR C 74 -21.77 11.46 -11.17
CA THR C 74 -22.30 10.38 -11.98
C THR C 74 -23.73 10.73 -12.42
N MET C 75 -24.56 11.17 -11.46
CA MET C 75 -25.97 11.48 -11.72
C MET C 75 -26.09 12.59 -12.76
N ARG C 76 -25.17 13.57 -12.74
CA ARG C 76 -25.23 14.71 -13.61
C ARG C 76 -25.06 14.23 -15.05
N THR C 77 -24.18 13.25 -15.26
CA THR C 77 -23.94 12.74 -16.60
C THR C 77 -25.21 12.13 -17.18
N LEU C 78 -26.11 11.61 -16.32
CA LEU C 78 -27.33 11.00 -16.83
C LEU C 78 -28.31 12.07 -17.30
N PHE C 79 -28.35 13.22 -16.60
CA PHE C 79 -29.20 14.33 -17.02
C PHE C 79 -28.69 14.89 -18.35
N TYR C 80 -27.35 14.94 -18.52
CA TYR C 80 -26.75 15.49 -19.72
C TYR C 80 -27.10 14.64 -20.95
N SER C 81 -27.02 13.31 -20.80
CA SER C 81 -27.26 12.43 -21.94
C SER C 81 -28.74 12.45 -22.35
N GLN C 82 -29.64 12.54 -21.38
CA GLN C 82 -31.06 12.74 -21.63
C GLN C 82 -31.28 14.01 -22.44
N LEU C 83 -30.63 15.10 -22.05
CA LEU C 83 -30.86 16.38 -22.71
C LEU C 83 -30.24 16.34 -24.10
N MET C 84 -29.02 15.81 -24.21
CA MET C 84 -28.32 15.82 -25.48
C MET C 84 -29.01 14.91 -26.49
N TYR C 85 -29.80 13.95 -26.02
CA TYR C 85 -30.53 13.06 -26.93
C TYR C 85 -31.58 13.89 -27.63
N GLU C 86 -32.24 14.78 -26.88
CA GLU C 86 -33.19 15.66 -27.55
C GLU C 86 -32.49 16.67 -28.47
N ALA C 87 -31.39 17.27 -28.02
CA ALA C 87 -30.63 18.21 -28.83
C ALA C 87 -30.22 17.56 -30.15
N ALA C 88 -29.73 16.30 -30.05
CA ALA C 88 -29.29 15.55 -31.21
C ALA C 88 -30.43 15.41 -32.22
N LYS C 89 -31.63 15.17 -31.72
CA LYS C 89 -32.79 14.99 -32.58
C LYS C 89 -33.30 16.30 -33.21
N ARG C 90 -32.77 17.43 -32.76
CA ARG C 90 -33.11 18.73 -33.34
C ARG C 90 -32.12 19.11 -34.44
N GLN C 91 -31.16 18.24 -34.74
CA GLN C 91 -30.25 18.56 -35.84
C GLN C 91 -30.63 17.85 -37.14
N PRO C 92 -30.42 18.49 -38.30
CA PRO C 92 -30.64 17.84 -39.59
C PRO C 92 -29.56 16.82 -39.90
N HIS C 93 -28.37 17.02 -39.32
CA HIS C 93 -27.21 16.22 -39.67
C HIS C 93 -26.42 15.84 -38.42
N PRO C 94 -27.00 15.04 -37.52
CA PRO C 94 -26.27 14.67 -36.32
C PRO C 94 -25.03 13.85 -36.69
N HIS C 95 -24.00 14.00 -35.84
CA HIS C 95 -22.69 13.41 -36.03
C HIS C 95 -22.86 11.91 -36.24
N ARG C 96 -22.31 11.43 -37.34
CA ARG C 96 -22.37 10.00 -37.65
C ARG C 96 -21.12 9.30 -37.13
N CYS C 97 -21.33 8.23 -36.35
CA CYS C 97 -20.23 7.57 -35.64
C CYS C 97 -19.71 6.40 -36.47
N ALA C 98 -18.58 5.81 -36.04
CA ALA C 98 -17.89 4.81 -36.84
C ALA C 98 -18.77 3.58 -37.06
N ASP C 99 -19.77 3.38 -36.19
CA ASP C 99 -20.72 2.28 -36.38
C ASP C 99 -21.77 2.65 -37.44
N GLY C 100 -21.66 3.84 -38.05
CA GLY C 100 -22.58 4.30 -39.09
C GLY C 100 -23.87 4.91 -38.53
N ARG C 101 -23.97 5.00 -37.19
CA ARG C 101 -25.19 5.48 -36.54
C ARG C 101 -24.96 6.84 -35.87
N THR C 102 -26.06 7.57 -35.61
CA THR C 102 -26.08 8.83 -34.86
C THR C 102 -26.80 8.66 -33.51
N ILE C 103 -26.66 9.68 -32.65
CA ILE C 103 -27.39 9.70 -31.39
C ILE C 103 -28.90 9.62 -31.64
N ALA C 104 -29.39 10.17 -32.77
CA ALA C 104 -30.79 10.09 -33.13
C ALA C 104 -31.26 8.66 -33.41
N ASP C 105 -30.35 7.72 -33.68
CA ASP C 105 -30.73 6.34 -33.94
C ASP C 105 -30.97 5.55 -32.66
N LEU C 106 -30.65 6.11 -31.50
CA LEU C 106 -30.93 5.45 -30.25
C LEU C 106 -32.42 5.60 -29.96
N SER C 107 -33.05 4.51 -29.48
CA SER C 107 -34.42 4.55 -28.98
C SER C 107 -34.39 5.10 -27.56
N VAL C 108 -35.57 5.31 -26.98
CA VAL C 108 -35.64 5.77 -25.60
C VAL C 108 -35.15 4.63 -24.69
N GLN C 109 -35.43 3.40 -25.11
CA GLN C 109 -34.95 2.20 -24.42
C GLN C 109 -33.43 2.17 -24.38
N ASP C 110 -32.76 2.41 -25.51
CA ASP C 110 -31.31 2.48 -25.50
C ASP C 110 -30.82 3.54 -24.50
N LEU C 111 -31.55 4.65 -24.36
CA LEU C 111 -31.06 5.71 -23.50
C LEU C 111 -31.19 5.32 -22.02
N LYS C 112 -32.16 4.48 -21.69
CA LYS C 112 -32.18 3.87 -20.38
C LYS C 112 -30.96 2.98 -20.20
N LYS C 113 -30.65 2.13 -21.18
CA LYS C 113 -29.50 1.24 -21.05
C LYS C 113 -28.21 2.04 -20.96
N LEU C 114 -28.15 3.13 -21.72
CA LEU C 114 -26.97 3.96 -21.74
C LEU C 114 -26.81 4.66 -20.38
N ASN C 115 -27.93 5.11 -19.80
CA ASN C 115 -27.95 5.72 -18.48
C ASN C 115 -27.40 4.75 -17.41
N ILE C 116 -27.79 3.47 -17.47
CA ILE C 116 -27.33 2.46 -16.55
C ILE C 116 -25.84 2.27 -16.72
N ALA C 117 -25.37 2.31 -17.98
CA ALA C 117 -23.96 2.11 -18.21
C ALA C 117 -23.22 3.30 -17.62
N GLN C 118 -23.83 4.48 -17.69
CA GLN C 118 -23.22 5.72 -17.23
C GLN C 118 -22.94 5.68 -15.73
N LEU C 119 -23.85 5.03 -15.01
CA LEU C 119 -23.70 4.87 -13.58
C LEU C 119 -22.41 4.16 -13.21
N PHE C 120 -21.82 3.36 -14.13
CA PHE C 120 -20.63 2.56 -13.85
C PHE C 120 -19.36 3.26 -14.33
N PHE C 121 -19.50 4.42 -14.99
CA PHE C 121 -18.40 4.93 -15.82
C PHE C 121 -17.14 5.24 -14.99
N VAL C 122 -17.29 5.71 -13.74
CA VAL C 122 -16.14 6.06 -12.90
C VAL C 122 -16.16 5.18 -11.65
N ALA C 123 -16.96 4.13 -11.64
CA ALA C 123 -17.16 3.31 -10.48
C ALA C 123 -15.95 2.44 -10.21
N GLY C 124 -15.14 2.20 -11.24
CA GLY C 124 -13.89 1.44 -11.12
C GLY C 124 -12.73 2.23 -10.52
N ARG C 125 -12.88 3.54 -10.35
CA ARG C 125 -11.75 4.30 -9.85
C ARG C 125 -11.33 3.83 -8.45
N GLU C 126 -10.01 3.83 -8.18
CA GLU C 126 -9.53 3.56 -6.83
C GLU C 126 -8.74 4.73 -6.25
N SER C 127 -8.77 5.88 -6.95
CA SER C 127 -8.12 7.12 -6.52
C SER C 127 -8.38 8.21 -7.58
N GLU C 128 -7.90 9.43 -7.30
CA GLU C 128 -7.91 10.52 -8.26
C GLU C 128 -6.67 10.50 -9.14
N ALA C 129 -5.91 9.38 -9.17
CA ALA C 129 -4.79 9.28 -10.10
C ALA C 129 -5.17 9.87 -11.46
N SER C 130 -4.34 10.78 -12.00
CA SER C 130 -4.73 11.48 -13.22
C SER C 130 -3.96 11.04 -14.47
N TYR C 131 -3.17 9.98 -14.41
CA TYR C 131 -2.39 9.58 -15.55
C TYR C 131 -3.07 8.43 -16.32
N GLY C 132 -2.67 8.29 -17.59
CA GLY C 132 -3.34 7.44 -18.56
C GLY C 132 -3.42 5.97 -18.16
N ASP C 133 -2.31 5.41 -17.67
CA ASP C 133 -2.27 4.02 -17.25
C ASP C 133 -3.32 3.75 -16.18
N ALA C 134 -3.46 4.67 -15.22
CA ALA C 134 -4.41 4.48 -14.14
C ALA C 134 -5.84 4.66 -14.64
N TYR C 135 -6.00 5.66 -15.54
CA TYR C 135 -7.28 5.90 -16.14
C TYR C 135 -7.80 4.64 -16.81
N HIS C 136 -6.92 4.02 -17.60
CA HIS C 136 -7.29 2.83 -18.37
C HIS C 136 -7.69 1.67 -17.46
N ARG C 137 -6.95 1.51 -16.33
CA ARG C 137 -7.16 0.35 -15.45
C ARG C 137 -8.48 0.56 -14.69
N TYR C 138 -8.70 1.79 -14.23
CA TYR C 138 -9.92 2.12 -13.51
C TYR C 138 -11.16 1.96 -14.38
N HIS C 139 -11.05 2.26 -15.69
CA HIS C 139 -12.15 2.10 -16.65
C HIS C 139 -12.40 0.60 -16.95
N LEU C 140 -11.35 -0.22 -17.04
CA LEU C 140 -11.50 -1.66 -17.10
C LEU C 140 -12.21 -2.16 -15.84
N TYR C 141 -11.80 -1.70 -14.67
CA TYR C 141 -12.54 -2.12 -13.48
C TYR C 141 -14.04 -1.77 -13.60
N GLY C 142 -14.38 -0.52 -13.94
CA GLY C 142 -15.77 -0.13 -14.05
C GLY C 142 -16.53 -1.00 -15.05
N ALA C 143 -15.85 -1.40 -16.12
CA ALA C 143 -16.46 -2.19 -17.16
C ALA C 143 -16.82 -3.57 -16.62
N LYS C 144 -15.92 -4.13 -15.80
CA LYS C 144 -16.13 -5.45 -15.26
C LYS C 144 -17.21 -5.38 -14.19
N GLN C 145 -17.29 -4.28 -13.45
CA GLN C 145 -18.37 -4.09 -12.50
C GLN C 145 -19.71 -4.05 -13.24
N PHE C 146 -19.77 -3.29 -14.34
CA PHE C 146 -20.95 -3.21 -15.16
C PHE C 146 -21.32 -4.61 -15.68
N GLU C 147 -20.34 -5.31 -16.26
CA GLU C 147 -20.59 -6.62 -16.87
C GLU C 147 -21.23 -7.56 -15.85
N ALA C 148 -20.66 -7.60 -14.66
CA ALA C 148 -21.07 -8.56 -13.66
C ALA C 148 -22.47 -8.23 -13.19
N TYR C 149 -22.79 -6.94 -13.00
CA TYR C 149 -24.11 -6.53 -12.53
C TYR C 149 -25.16 -6.76 -13.62
N ALA C 150 -24.84 -6.41 -14.86
CA ALA C 150 -25.77 -6.56 -15.96
C ALA C 150 -26.06 -8.03 -16.23
N ARG C 151 -25.03 -8.87 -16.20
CA ARG C 151 -25.22 -10.30 -16.44
C ARG C 151 -26.06 -10.92 -15.34
N LYS C 152 -25.91 -10.49 -14.08
CA LYS C 152 -26.69 -11.06 -12.99
C LYS C 152 -28.12 -10.49 -12.98
N HIS C 153 -28.29 -9.19 -13.20
CA HIS C 153 -29.54 -8.57 -12.83
C HIS C 153 -30.31 -7.99 -14.01
N LEU C 154 -29.65 -7.75 -15.14
CA LEU C 154 -30.29 -6.92 -16.16
C LEU C 154 -30.48 -7.66 -17.47
N THR C 155 -30.53 -8.99 -17.46
CA THR C 155 -30.62 -9.71 -18.73
C THR C 155 -32.02 -9.59 -19.31
N HIS C 156 -33.02 -9.19 -18.52
CA HIS C 156 -34.34 -8.92 -19.11
C HIS C 156 -34.30 -7.62 -19.91
N LEU C 157 -33.16 -6.94 -19.91
CA LEU C 157 -33.10 -5.59 -20.44
C LEU C 157 -32.00 -5.46 -21.48
N PHE C 158 -30.82 -6.03 -21.21
CA PHE C 158 -29.72 -5.98 -22.15
C PHE C 158 -29.45 -7.36 -22.75
N SER C 159 -29.24 -7.42 -24.07
CA SER C 159 -28.73 -8.63 -24.70
C SER C 159 -27.26 -8.79 -24.35
N GLU C 160 -26.72 -9.96 -24.69
CA GLU C 160 -25.30 -10.21 -24.57
C GLU C 160 -24.52 -9.17 -25.38
N LYS C 161 -24.94 -8.94 -26.62
CA LYS C 161 -24.31 -7.98 -27.51
C LYS C 161 -24.28 -6.59 -26.86
N GLU C 162 -25.36 -6.20 -26.18
CA GLU C 162 -25.44 -4.86 -25.62
C GLU C 162 -24.53 -4.76 -24.40
N ILE C 163 -24.38 -5.86 -23.66
CA ILE C 163 -23.51 -5.90 -22.51
C ILE C 163 -22.08 -5.68 -22.99
N VAL C 164 -21.68 -6.39 -24.05
CA VAL C 164 -20.35 -6.23 -24.59
C VAL C 164 -20.14 -4.81 -25.06
N LEU C 165 -21.10 -4.25 -25.79
CA LEU C 165 -20.95 -2.91 -26.35
C LEU C 165 -20.80 -1.87 -25.22
N TYR C 166 -21.71 -1.87 -24.25
CA TYR C 166 -21.67 -0.91 -23.16
C TYR C 166 -20.49 -1.12 -22.20
N SER C 167 -20.05 -2.38 -22.01
CA SER C 167 -18.81 -2.68 -21.33
C SER C 167 -17.66 -1.92 -22.01
N ARG C 168 -17.56 -2.09 -23.32
CA ARG C 168 -16.53 -1.44 -24.10
C ARG C 168 -16.63 0.09 -24.03
N CYS C 169 -17.84 0.68 -24.01
CA CYS C 169 -17.99 2.14 -23.81
C CYS C 169 -17.34 2.56 -22.49
N ILE C 170 -17.67 1.85 -21.40
CA ILE C 170 -17.12 2.16 -20.09
C ILE C 170 -15.61 1.94 -20.09
N GLU C 171 -15.15 0.87 -20.73
CA GLU C 171 -13.74 0.55 -20.69
C GLU C 171 -12.89 1.64 -21.34
N ASP C 172 -13.37 2.26 -22.41
CA ASP C 172 -12.64 3.37 -23.02
C ASP C 172 -11.23 2.93 -23.42
N ARG C 173 -11.17 1.88 -24.22
CA ARG C 173 -9.93 1.24 -24.64
C ARG C 173 -9.14 2.21 -25.48
N ILE C 174 -7.81 2.12 -25.34
CA ILE C 174 -6.90 2.95 -26.11
C ILE C 174 -7.03 2.47 -27.56
N GLY C 175 -7.17 3.41 -28.48
CA GLY C 175 -7.32 3.07 -29.89
C GLY C 175 -8.76 3.21 -30.39
N ASP C 176 -9.74 3.14 -29.48
CA ASP C 176 -11.12 3.53 -29.75
C ASP C 176 -11.21 5.06 -29.92
N ARG C 177 -11.94 5.45 -30.96
CA ARG C 177 -12.23 6.86 -31.14
C ARG C 177 -13.33 7.27 -30.17
N PHE C 178 -13.31 8.54 -29.81
CA PHE C 178 -14.39 9.25 -29.14
C PHE C 178 -15.76 8.89 -29.74
N ASP C 179 -15.80 8.71 -31.06
CA ASP C 179 -17.03 8.48 -31.78
C ASP C 179 -17.02 7.10 -32.41
N GLU C 180 -16.53 6.07 -31.71
CA GLU C 180 -16.52 4.74 -32.29
C GLU C 180 -17.96 4.23 -32.49
N THR C 181 -18.81 4.59 -31.53
CA THR C 181 -20.15 4.06 -31.41
C THR C 181 -21.00 5.26 -30.99
N ALA C 182 -22.27 5.31 -31.43
CA ALA C 182 -23.21 6.36 -30.99
C ALA C 182 -23.43 6.35 -29.47
N GLU C 183 -23.49 5.17 -28.87
CA GLU C 183 -23.60 5.02 -27.43
C GLU C 183 -22.41 5.62 -26.71
N GLY C 184 -21.22 5.18 -27.10
CA GLY C 184 -19.98 5.65 -26.53
C GLY C 184 -19.85 7.17 -26.68
N TYR C 185 -20.17 7.67 -27.88
CA TYR C 185 -20.05 9.07 -28.23
C TYR C 185 -20.85 9.91 -27.23
N LEU C 186 -22.06 9.44 -26.90
CA LEU C 186 -22.95 10.20 -26.02
C LEU C 186 -22.48 10.13 -24.55
N ILE C 187 -22.06 8.93 -24.15
CA ILE C 187 -21.42 8.75 -22.86
C ILE C 187 -20.22 9.68 -22.74
N HIS C 188 -19.39 9.75 -23.79
CA HIS C 188 -18.23 10.62 -23.73
C HIS C 188 -18.63 12.09 -23.69
N LEU C 189 -19.66 12.48 -24.46
CA LEU C 189 -20.04 13.88 -24.47
C LEU C 189 -20.57 14.25 -23.09
N SER C 190 -21.33 13.36 -22.44
CA SER C 190 -21.89 13.61 -21.13
C SER C 190 -20.78 13.88 -20.11
N HIS C 191 -19.67 13.12 -20.20
CA HIS C 191 -18.53 13.24 -19.32
C HIS C 191 -17.82 14.56 -19.57
N MET C 192 -17.57 14.88 -20.84
CA MET C 192 -17.01 16.15 -21.24
C MET C 192 -17.71 17.31 -20.55
N ILE C 193 -19.06 17.39 -20.59
CA ILE C 193 -19.70 18.59 -20.10
C ILE C 193 -19.34 18.83 -18.63
N ASP C 194 -19.29 17.77 -17.85
CA ASP C 194 -19.13 17.90 -16.41
C ASP C 194 -17.77 18.46 -16.06
N LEU C 195 -16.81 18.29 -16.97
CA LEU C 195 -15.45 18.80 -16.82
C LEU C 195 -15.41 20.31 -16.61
N MET C 196 -16.42 21.04 -17.11
CA MET C 196 -16.47 22.48 -16.97
C MET C 196 -16.30 22.90 -15.50
N ARG C 197 -16.66 22.03 -14.55
CA ARG C 197 -16.57 22.35 -13.13
C ARG C 197 -15.13 22.54 -12.66
N CYS C 198 -14.14 22.05 -13.43
CA CYS C 198 -12.77 21.97 -12.94
C CYS C 198 -11.74 22.32 -14.02
N LYS C 199 -12.13 23.00 -15.09
CA LYS C 199 -11.22 23.33 -16.18
C LYS C 199 -11.17 24.84 -16.35
N SER C 200 -10.09 25.37 -16.93
CA SER C 200 -9.90 26.81 -16.98
C SER C 200 -10.66 27.35 -18.20
N PRO C 201 -10.83 28.67 -18.35
CA PRO C 201 -11.49 29.22 -19.55
C PRO C 201 -10.97 28.66 -20.87
N VAL C 202 -9.69 28.28 -20.91
CA VAL C 202 -9.06 27.91 -22.17
C VAL C 202 -9.54 26.51 -22.60
N GLU C 203 -9.61 25.55 -21.68
CA GLU C 203 -10.12 24.25 -22.05
C GLU C 203 -11.62 24.32 -22.37
N VAL C 204 -12.38 25.17 -21.65
CA VAL C 204 -13.83 25.23 -21.82
C VAL C 204 -14.21 25.99 -23.10
N PHE C 205 -13.54 27.09 -23.43
CA PHE C 205 -14.01 27.98 -24.49
C PHE C 205 -13.11 28.02 -25.73
N ILE C 206 -11.83 27.63 -25.63
CA ILE C 206 -10.89 28.00 -26.69
C ILE C 206 -10.24 26.76 -27.32
N GLY C 207 -9.95 25.74 -26.51
CA GLY C 207 -9.15 24.62 -26.95
C GLY C 207 -7.73 24.76 -26.39
N HIS C 208 -7.25 23.72 -25.67
CA HIS C 208 -5.97 23.75 -24.99
C HIS C 208 -4.78 23.69 -25.98
N SER C 209 -5.07 23.61 -27.28
CA SER C 209 -4.08 23.34 -28.33
C SER C 209 -4.73 23.59 -29.69
N ARG C 210 -3.89 23.76 -30.72
CA ARG C 210 -4.29 24.30 -32.01
C ARG C 210 -5.23 23.34 -32.75
N GLY C 211 -5.17 22.05 -32.45
CA GLY C 211 -6.10 21.09 -33.04
C GLY C 211 -7.49 21.11 -32.42
N VAL C 212 -7.57 21.23 -31.08
CA VAL C 212 -8.72 20.82 -30.29
C VAL C 212 -9.75 21.96 -30.18
N SER C 213 -11.02 21.61 -30.02
CA SER C 213 -12.07 22.60 -30.17
C SER C 213 -12.41 23.28 -28.84
N GLY C 214 -12.40 22.55 -27.73
CA GLY C 214 -12.91 23.12 -26.50
C GLY C 214 -14.31 22.61 -26.18
N ILE C 215 -14.67 22.58 -24.90
CA ILE C 215 -15.92 21.95 -24.48
C ILE C 215 -17.14 22.65 -25.07
N VAL C 216 -17.26 23.98 -24.86
CA VAL C 216 -18.44 24.70 -25.30
C VAL C 216 -18.46 24.90 -26.81
N PRO C 217 -17.34 25.21 -27.49
CA PRO C 217 -17.31 25.13 -28.97
C PRO C 217 -17.78 23.81 -29.58
N THR C 218 -17.41 22.70 -28.96
CA THR C 218 -17.84 21.39 -29.42
C THR C 218 -19.37 21.33 -29.38
N LEU C 219 -19.96 21.69 -28.25
CA LEU C 219 -21.40 21.68 -28.05
C LEU C 219 -22.08 22.57 -29.08
N ILE C 220 -21.44 23.71 -29.43
CA ILE C 220 -21.98 24.64 -30.41
C ILE C 220 -21.87 24.07 -31.84
N GLN C 221 -20.77 23.40 -32.16
CA GLN C 221 -20.59 22.74 -33.43
C GLN C 221 -21.60 21.62 -33.60
N LEU C 222 -21.94 20.89 -32.52
CA LEU C 222 -22.86 19.75 -32.63
C LEU C 222 -24.32 20.22 -32.68
N PHE C 223 -24.69 21.18 -31.82
CA PHE C 223 -26.09 21.42 -31.50
C PHE C 223 -26.52 22.86 -31.82
N GLY C 224 -25.60 23.65 -32.39
CA GLY C 224 -25.87 25.06 -32.71
C GLY C 224 -25.60 25.93 -31.49
N ARG C 225 -25.52 27.24 -31.70
CA ARG C 225 -25.24 28.17 -30.63
C ARG C 225 -26.30 28.09 -29.53
N GLU C 226 -27.57 28.08 -29.92
CA GLU C 226 -28.67 28.34 -28.99
C GLU C 226 -28.82 27.12 -28.10
N ASP C 227 -28.91 25.93 -28.69
CA ASP C 227 -29.01 24.70 -27.93
C ASP C 227 -27.73 24.45 -27.14
N GLY C 228 -26.58 24.75 -27.76
CA GLY C 228 -25.30 24.44 -27.13
C GLY C 228 -25.08 25.26 -25.86
N LEU C 229 -25.34 26.56 -25.97
CA LEU C 229 -25.27 27.42 -24.80
C LEU C 229 -26.34 27.05 -23.75
N ASP C 230 -27.51 26.61 -24.20
CA ASP C 230 -28.51 26.10 -23.28
C ASP C 230 -27.97 24.92 -22.47
N ILE C 231 -27.30 23.98 -23.14
CA ILE C 231 -26.73 22.83 -22.45
C ILE C 231 -25.67 23.32 -21.46
N MET C 232 -24.81 24.26 -21.88
CA MET C 232 -23.79 24.83 -21.01
C MET C 232 -24.43 25.41 -19.74
N HIS C 233 -25.49 26.20 -19.94
CA HIS C 233 -26.13 26.90 -18.83
C HIS C 233 -26.85 25.87 -17.97
N TYR C 234 -27.43 24.84 -18.59
CA TYR C 234 -28.08 23.82 -17.78
C TYR C 234 -27.10 23.04 -16.87
N ALA C 235 -25.99 22.55 -17.42
CA ALA C 235 -24.95 21.92 -16.61
C ALA C 235 -24.46 22.85 -15.48
N ARG C 236 -24.28 24.14 -15.74
CA ARG C 236 -23.79 25.03 -14.70
C ARG C 236 -24.76 25.06 -13.54
N SER C 237 -26.03 24.95 -13.85
CA SER C 237 -27.04 25.06 -12.83
C SER C 237 -27.20 23.71 -12.12
N LEU C 238 -26.86 22.60 -12.79
CA LEU C 238 -26.76 21.33 -12.10
C LEU C 238 -25.57 21.36 -11.13
N PHE C 239 -24.47 22.04 -11.50
CA PHE C 239 -23.36 22.20 -10.59
C PHE C 239 -23.90 22.88 -9.34
N ALA C 240 -24.60 23.99 -9.54
CA ALA C 240 -25.10 24.76 -8.41
C ALA C 240 -26.05 23.92 -7.56
N ALA C 241 -26.89 23.11 -8.20
CA ALA C 241 -27.91 22.36 -7.48
C ALA C 241 -27.24 21.33 -6.57
N THR C 242 -26.06 20.83 -6.95
CA THR C 242 -25.37 19.81 -6.19
C THR C 242 -24.28 20.43 -5.32
N GLY C 243 -24.28 21.74 -5.22
CA GLY C 243 -23.42 22.39 -4.26
C GLY C 243 -22.01 22.63 -4.76
N GLU C 244 -21.66 22.27 -6.00
CA GLU C 244 -20.29 22.45 -6.45
C GLU C 244 -20.04 23.89 -6.86
N ALA C 245 -18.78 24.33 -6.79
CA ALA C 245 -18.38 25.63 -7.31
C ALA C 245 -18.75 25.73 -8.79
N VAL C 246 -19.31 26.87 -9.16
CA VAL C 246 -19.59 27.21 -10.55
C VAL C 246 -18.50 28.20 -10.97
N PRO C 247 -17.63 27.89 -11.97
CA PRO C 247 -16.66 28.86 -12.46
C PRO C 247 -17.33 30.08 -13.10
N TYR C 248 -16.62 31.21 -13.05
CA TYR C 248 -17.03 32.41 -13.74
C TYR C 248 -16.78 32.14 -15.22
N ILE C 249 -17.28 33.04 -16.06
CA ILE C 249 -16.98 33.04 -17.49
C ILE C 249 -16.74 34.50 -17.86
N SER C 250 -15.67 34.78 -18.60
CA SER C 250 -15.46 36.13 -19.09
C SER C 250 -14.73 36.11 -20.42
N SER C 251 -15.46 36.43 -21.49
CA SER C 251 -14.92 36.37 -22.83
C SER C 251 -13.98 37.53 -23.07
N SER C 252 -14.19 38.70 -22.42
CA SER C 252 -13.25 39.80 -22.56
C SER C 252 -11.87 39.44 -22.00
N GLU C 253 -11.81 38.43 -21.13
CA GLU C 253 -10.57 37.97 -20.53
C GLU C 253 -9.78 37.08 -21.49
N TRP C 254 -10.49 36.41 -22.41
CA TRP C 254 -9.93 35.36 -23.25
C TRP C 254 -8.62 35.82 -23.92
N PRO C 255 -8.53 37.03 -24.49
CA PRO C 255 -7.32 37.44 -25.20
C PRO C 255 -6.08 37.60 -24.32
N HIS C 256 -6.21 37.47 -23.00
CA HIS C 256 -5.14 37.85 -22.10
C HIS C 256 -4.63 36.62 -21.34
N LEU C 257 -5.02 35.41 -21.80
CA LEU C 257 -4.68 34.14 -21.15
C LEU C 257 -3.57 33.42 -21.89
N GLY C 258 -2.86 34.15 -22.77
CA GLY C 258 -1.75 33.65 -23.55
C GLY C 258 -2.20 32.57 -24.52
N ILE C 259 -3.29 32.86 -25.26
CA ILE C 259 -3.64 32.08 -26.43
C ILE C 259 -3.60 32.99 -27.66
N GLU C 260 -3.20 32.40 -28.80
CA GLU C 260 -2.83 33.13 -30.00
C GLU C 260 -4.05 33.84 -30.58
N SER C 261 -3.89 35.16 -30.74
CA SER C 261 -4.77 36.02 -31.51
C SER C 261 -5.84 35.24 -32.28
N ASP C 262 -5.39 34.34 -33.15
CA ASP C 262 -6.19 33.64 -34.15
C ASP C 262 -7.30 32.80 -33.50
N ARG C 263 -6.93 32.10 -32.42
CA ARG C 263 -7.83 31.17 -31.76
C ARG C 263 -8.83 31.91 -30.87
N VAL C 264 -8.40 33.02 -30.30
CA VAL C 264 -9.29 33.88 -29.55
C VAL C 264 -10.35 34.45 -30.49
N GLU C 265 -9.92 34.92 -31.67
CA GLU C 265 -10.83 35.39 -32.71
C GLU C 265 -11.91 34.32 -32.93
N ARG C 266 -11.44 33.11 -33.20
CA ARG C 266 -12.27 31.97 -33.50
C ARG C 266 -13.35 31.78 -32.41
N ALA C 267 -12.91 31.64 -31.16
CA ALA C 267 -13.79 31.35 -30.03
C ALA C 267 -14.84 32.43 -29.88
N LEU C 268 -14.43 33.69 -30.09
CA LEU C 268 -15.31 34.84 -29.98
C LEU C 268 -16.40 34.75 -31.04
N LYS C 269 -16.02 34.50 -32.31
CA LYS C 269 -16.96 34.38 -33.41
C LYS C 269 -17.92 33.20 -33.18
N ILE C 270 -17.47 32.14 -32.53
CA ILE C 270 -18.26 30.92 -32.51
C ILE C 270 -19.15 30.92 -31.26
N VAL C 271 -18.53 31.28 -30.13
CA VAL C 271 -19.23 31.24 -28.85
C VAL C 271 -19.98 32.54 -28.62
N GLY C 272 -19.50 33.67 -29.17
CA GLY C 272 -20.09 34.95 -28.81
C GLY C 272 -19.70 35.30 -27.37
N SER C 273 -20.03 36.53 -26.95
CA SER C 273 -19.42 37.06 -25.75
C SER C 273 -20.24 36.59 -24.55
N LEU C 274 -19.56 36.24 -23.45
CA LEU C 274 -20.18 35.71 -22.25
C LEU C 274 -19.55 36.38 -21.04
N GLU C 275 -20.39 36.91 -20.13
CA GLU C 275 -19.93 37.52 -18.89
C GLU C 275 -20.82 37.00 -17.76
N VAL C 276 -20.38 35.99 -17.03
CA VAL C 276 -21.21 35.32 -16.04
C VAL C 276 -20.41 35.08 -14.76
N GLU C 277 -20.95 35.51 -13.62
CA GLU C 277 -20.24 35.40 -12.35
C GLU C 277 -20.18 33.95 -11.86
N GLY C 278 -19.07 33.63 -11.18
CA GLY C 278 -18.88 32.33 -10.56
C GLY C 278 -19.72 32.20 -9.30
N GLN C 279 -19.57 31.09 -8.58
CA GLN C 279 -20.32 30.88 -7.36
C GLN C 279 -19.62 29.84 -6.50
N GLU C 280 -19.45 30.13 -5.20
CA GLU C 280 -18.62 29.28 -4.37
C GLU C 280 -19.39 28.00 -4.09
N ALA C 281 -18.67 26.95 -3.66
CA ALA C 281 -19.30 25.69 -3.30
C ALA C 281 -20.22 25.88 -2.09
N ASP C 282 -21.30 25.08 -2.05
CA ASP C 282 -22.17 25.03 -0.89
C ASP C 282 -22.09 23.65 -0.23
N ALA C 283 -21.72 23.61 1.05
CA ALA C 283 -21.42 22.36 1.73
C ALA C 283 -22.67 21.50 1.94
N LYS C 284 -23.78 22.11 2.36
CA LYS C 284 -25.02 21.39 2.63
C LYS C 284 -25.55 20.76 1.34
N LYS C 285 -25.50 21.51 0.24
CA LYS C 285 -25.99 20.95 -1.01
C LYS C 285 -25.03 19.86 -1.49
N THR C 286 -23.72 20.06 -1.28
CA THR C 286 -22.75 19.04 -1.62
C THR C 286 -23.07 17.77 -0.82
N ALA C 287 -23.36 17.93 0.45
CA ALA C 287 -23.70 16.77 1.25
C ALA C 287 -24.99 16.11 0.77
N GLN C 288 -26.02 16.91 0.50
CA GLN C 288 -27.30 16.38 0.05
C GLN C 288 -27.12 15.61 -1.24
N ALA C 289 -26.20 16.04 -2.10
CA ALA C 289 -26.10 15.39 -3.40
C ALA C 289 -25.17 14.18 -3.34
N GLY C 290 -24.42 14.06 -2.25
CA GLY C 290 -23.29 13.14 -2.18
C GLY C 290 -23.63 11.85 -1.43
N PHE C 291 -24.65 11.89 -0.54
CA PHE C 291 -24.86 10.86 0.46
C PHE C 291 -26.06 9.96 0.19
N SER C 292 -26.90 10.30 -0.81
CA SER C 292 -28.00 9.44 -1.24
C SER C 292 -28.52 9.80 -2.62
N VAL C 293 -28.96 8.73 -3.28
CA VAL C 293 -29.68 8.78 -4.52
C VAL C 293 -30.90 9.69 -4.45
N ASP C 294 -31.78 9.63 -3.43
CA ASP C 294 -32.95 10.50 -3.35
C ASP C 294 -32.50 11.96 -3.23
N GLY C 295 -31.51 12.21 -2.37
CA GLY C 295 -30.99 13.56 -2.19
C GLY C 295 -30.47 14.10 -3.52
N CYS C 296 -29.67 13.29 -4.20
CA CYS C 296 -29.02 13.75 -5.40
C CYS C 296 -30.01 13.93 -6.55
N TYR C 297 -30.85 12.92 -6.74
CA TYR C 297 -31.86 12.95 -7.79
C TYR C 297 -32.84 14.07 -7.50
N GLY C 298 -33.27 14.14 -6.23
CA GLY C 298 -34.28 15.10 -5.81
C GLY C 298 -33.80 16.53 -6.05
N ALA C 299 -32.48 16.75 -5.87
CA ALA C 299 -31.90 18.05 -6.18
C ALA C 299 -31.83 18.29 -7.69
N LEU C 300 -31.55 17.27 -8.50
CA LEU C 300 -31.27 17.50 -9.91
C LEU C 300 -32.56 17.57 -10.73
N VAL C 301 -33.52 16.67 -10.51
CA VAL C 301 -34.78 16.64 -11.25
C VAL C 301 -35.43 18.01 -11.26
N LYS C 302 -35.33 18.71 -10.14
CA LYS C 302 -36.04 19.95 -9.90
C LYS C 302 -35.55 21.01 -10.87
N ILE C 303 -34.30 20.92 -11.34
CA ILE C 303 -33.72 22.01 -12.10
C ILE C 303 -34.34 22.07 -13.51
N ASP C 304 -34.79 23.27 -13.87
CA ASP C 304 -35.45 23.56 -15.14
C ASP C 304 -34.52 23.28 -16.33
N THR C 305 -35.11 22.64 -17.35
CA THR C 305 -34.44 22.35 -18.60
C THR C 305 -34.77 23.50 -19.53
N PRO C 306 -34.05 23.59 -20.69
CA PRO C 306 -34.45 24.46 -21.80
C PRO C 306 -35.90 24.26 -22.24
N ASP C 307 -36.51 25.34 -22.72
CA ASP C 307 -37.89 25.31 -23.17
C ASP C 307 -38.13 24.31 -24.29
N TRP C 308 -37.09 24.01 -25.06
CA TRP C 308 -37.21 23.06 -26.17
C TRP C 308 -37.13 21.59 -25.74
N TYR C 309 -36.79 21.30 -24.47
CA TYR C 309 -36.68 19.92 -24.04
C TYR C 309 -38.04 19.38 -23.60
N HIS C 310 -38.46 18.26 -24.16
CA HIS C 310 -39.71 17.59 -23.84
C HIS C 310 -39.46 16.08 -23.88
N GLN C 311 -39.09 15.52 -22.73
CA GLN C 311 -38.68 14.14 -22.65
C GLN C 311 -39.82 13.22 -23.09
N VAL C 312 -39.46 12.14 -23.77
CA VAL C 312 -40.41 11.09 -24.08
C VAL C 312 -40.73 10.25 -22.83
N LYS C 313 -42.01 9.99 -22.60
CA LYS C 313 -42.44 9.17 -21.47
C LYS C 313 -42.86 7.77 -21.97
N PHE D 4 -2.21 38.69 -12.16
CA PHE D 4 -3.56 38.19 -11.79
C PHE D 4 -3.63 36.66 -11.63
N VAL D 5 -4.08 36.21 -10.44
CA VAL D 5 -4.35 34.81 -10.14
C VAL D 5 -5.81 34.69 -9.71
N LYS D 6 -6.56 33.83 -10.39
CA LYS D 6 -7.95 33.63 -10.04
C LYS D 6 -8.19 32.15 -9.75
N THR D 7 -9.02 31.91 -8.73
CA THR D 7 -9.71 30.65 -8.62
C THR D 7 -10.62 30.51 -9.84
N LEU D 8 -11.18 29.32 -9.97
CA LEU D 8 -12.11 29.08 -11.06
C LEU D 8 -13.38 29.90 -10.83
N THR D 9 -13.69 30.16 -9.54
CA THR D 9 -14.90 30.91 -9.24
C THR D 9 -14.69 32.40 -9.58
N GLY D 10 -13.42 32.84 -9.72
CA GLY D 10 -13.13 34.22 -10.08
C GLY D 10 -12.59 35.03 -8.90
N LYS D 11 -12.38 34.41 -7.72
CA LYS D 11 -11.65 35.01 -6.62
C LYS D 11 -10.21 35.33 -7.08
N THR D 12 -9.78 36.59 -6.88
CA THR D 12 -8.66 37.13 -7.63
C THR D 12 -7.60 37.67 -6.67
N ILE D 13 -6.35 37.27 -6.89
CA ILE D 13 -5.19 37.72 -6.13
C ILE D 13 -4.27 38.42 -7.12
N THR D 14 -3.89 39.66 -6.85
CA THR D 14 -3.05 40.41 -7.78
C THR D 14 -1.63 40.43 -7.25
N LEU D 15 -0.65 40.02 -8.08
CA LEU D 15 0.73 39.84 -7.63
C LEU D 15 1.66 40.79 -8.38
N GLU D 16 2.63 41.32 -7.63
CA GLU D 16 3.86 41.88 -8.14
C GLU D 16 4.87 40.75 -8.34
N VAL D 17 5.22 40.42 -9.59
CA VAL D 17 6.15 39.35 -9.88
C VAL D 17 6.98 39.64 -11.13
N GLU D 18 8.22 39.15 -11.18
CA GLU D 18 9.10 39.40 -12.31
C GLU D 18 9.38 38.07 -13.01
N PRO D 19 9.62 38.07 -14.35
CA PRO D 19 9.70 36.80 -15.09
C PRO D 19 10.85 35.87 -14.67
N SER D 20 11.85 36.42 -13.98
CA SER D 20 12.97 35.64 -13.44
C SER D 20 12.47 34.50 -12.57
N ASP D 21 11.48 34.82 -11.74
CA ASP D 21 11.06 33.98 -10.62
C ASP D 21 10.34 32.76 -11.16
N THR D 22 10.42 31.65 -10.41
CA THR D 22 9.76 30.41 -10.79
C THR D 22 8.31 30.44 -10.28
N ILE D 23 7.52 29.41 -10.64
CA ILE D 23 6.13 29.31 -10.18
C ILE D 23 6.10 28.89 -8.70
N GLU D 24 7.17 28.23 -8.25
CA GLU D 24 7.44 27.95 -6.84
C GLU D 24 7.42 29.24 -6.04
N ASN D 25 8.06 30.25 -6.62
CA ASN D 25 8.15 31.59 -6.07
C ASN D 25 6.76 32.18 -5.94
N VAL D 26 5.96 32.06 -7.00
CA VAL D 26 4.63 32.65 -7.06
C VAL D 26 3.73 31.95 -6.06
N LYS D 27 3.93 30.63 -5.88
CA LYS D 27 3.21 29.90 -4.85
C LYS D 27 3.51 30.47 -3.47
N ALA D 28 4.80 30.71 -3.19
CA ALA D 28 5.19 31.26 -1.90
C ALA D 28 4.57 32.63 -1.70
N LYS D 29 4.39 33.38 -2.80
CA LYS D 29 3.83 34.73 -2.73
C LYS D 29 2.33 34.67 -2.44
N ILE D 30 1.64 33.73 -3.08
CA ILE D 30 0.23 33.50 -2.82
C ILE D 30 0.08 33.09 -1.36
N GLN D 31 1.05 32.30 -0.88
CA GLN D 31 1.12 31.89 0.51
C GLN D 31 1.08 33.11 1.43
N ASP D 32 1.87 34.16 1.11
CA ASP D 32 2.08 35.29 2.01
C ASP D 32 0.80 36.14 2.10
N LYS D 33 0.05 36.23 1.00
CA LYS D 33 -1.23 36.94 0.96
C LYS D 33 -2.35 36.11 1.59
N GLU D 34 -2.66 34.95 1.02
CA GLU D 34 -3.85 34.19 1.39
C GLU D 34 -3.55 33.20 2.53
N GLY D 35 -2.27 32.93 2.80
CA GLY D 35 -1.88 31.93 3.78
C GLY D 35 -2.10 30.51 3.27
N ILE D 36 -2.26 30.33 1.95
CA ILE D 36 -2.47 29.03 1.32
C ILE D 36 -1.10 28.40 1.07
N PRO D 37 -0.77 27.25 1.70
CA PRO D 37 0.57 26.68 1.56
C PRO D 37 0.83 26.34 0.10
N PRO D 38 2.10 26.55 -0.37
CA PRO D 38 2.51 26.26 -1.75
C PRO D 38 2.15 24.86 -2.25
N ASP D 39 2.25 23.88 -1.35
CA ASP D 39 2.01 22.49 -1.67
C ASP D 39 0.54 22.22 -1.99
N GLN D 40 -0.38 23.17 -1.67
CA GLN D 40 -1.79 23.04 -2.02
C GLN D 40 -2.12 23.65 -3.39
N GLN D 41 -1.16 24.38 -4.00
CA GLN D 41 -1.41 25.16 -5.20
C GLN D 41 -1.01 24.39 -6.47
N ABA D 42 -1.90 24.35 -7.49
CA ABA D 42 -1.55 24.09 -8.88
C ABA D 42 -2.09 25.27 -9.70
O ABA D 42 -3.29 25.57 -9.70
CB ABA D 42 -1.14 23.04 -9.99
CG ABA D 42 -1.12 22.63 -11.48
H ABA D 42 -2.77 24.50 -7.28
HG1 ABA D 42 -1.24 23.40 -12.07
HG2 ABA D 42 -0.28 22.19 -11.72
N LEU D 43 -1.17 25.97 -10.39
CA LEU D 43 -1.51 27.04 -11.32
C LEU D 43 -1.66 26.50 -12.74
N ILE D 44 -2.52 27.16 -13.52
CA ILE D 44 -2.82 26.80 -14.91
C ILE D 44 -2.60 28.04 -15.77
N PHE D 45 -2.08 27.82 -16.98
CA PHE D 45 -1.94 28.94 -17.90
C PHE D 45 -1.96 28.41 -19.33
N ALA D 46 -2.75 29.09 -20.17
CA ALA D 46 -2.86 28.81 -21.60
C ALA D 46 -3.44 27.42 -21.84
N GLY D 47 -4.19 26.91 -20.87
CA GLY D 47 -4.74 25.57 -20.98
C GLY D 47 -3.91 24.54 -20.22
N LYS D 48 -2.57 24.59 -20.40
CA LYS D 48 -1.67 23.55 -19.91
C LYS D 48 -1.36 23.76 -18.42
N GLN D 49 -1.41 22.64 -17.66
CA GLN D 49 -0.98 22.65 -16.28
C GLN D 49 0.50 22.95 -16.26
N LEU D 50 0.93 23.78 -15.30
CA LEU D 50 2.34 24.14 -15.17
C LEU D 50 3.01 23.07 -14.29
N GLU D 51 4.28 22.77 -14.60
CA GLU D 51 4.99 21.63 -14.03
C GLU D 51 5.92 22.03 -12.87
N ASP D 52 6.43 23.27 -12.85
CA ASP D 52 7.21 23.79 -11.73
C ASP D 52 8.72 23.58 -11.89
N GLY D 53 9.49 24.59 -11.46
CA GLY D 53 10.91 24.69 -11.73
C GLY D 53 11.14 25.66 -12.89
N ARG D 54 10.44 25.40 -13.99
CA ARG D 54 10.36 26.34 -15.08
C ARG D 54 9.79 27.65 -14.56
N THR D 55 10.45 28.76 -14.93
CA THR D 55 10.08 30.09 -14.49
C THR D 55 8.99 30.64 -15.41
N LEU D 56 8.51 31.86 -15.11
CA LEU D 56 7.41 32.49 -15.84
C LEU D 56 7.78 32.67 -17.31
N SER D 57 9.08 32.88 -17.56
CA SER D 57 9.66 33.05 -18.89
C SER D 57 9.29 31.90 -19.80
N ASP D 58 9.43 30.69 -19.27
CA ASP D 58 9.33 29.44 -20.03
C ASP D 58 7.93 29.27 -20.61
N TYR D 59 6.90 29.71 -19.87
CA TYR D 59 5.51 29.62 -20.29
C TYR D 59 5.00 30.98 -20.79
N ASN D 60 5.96 31.91 -21.03
CA ASN D 60 5.72 33.23 -21.60
C ASN D 60 4.72 34.03 -20.77
N ILE D 61 4.81 33.96 -19.44
CA ILE D 61 3.88 34.71 -18.59
C ILE D 61 4.33 36.18 -18.56
N GLN D 62 3.38 37.07 -18.87
CA GLN D 62 3.65 38.49 -19.08
C GLN D 62 2.65 39.30 -18.26
N LYS D 63 2.91 40.61 -18.14
CA LYS D 63 2.10 41.49 -17.30
C LYS D 63 0.63 41.20 -17.54
N GLU D 64 -0.12 41.08 -16.43
CA GLU D 64 -1.57 41.02 -16.42
C GLU D 64 -2.11 39.85 -17.24
N SER D 65 -1.27 38.83 -17.51
CA SER D 65 -1.78 37.55 -17.94
C SER D 65 -2.42 36.88 -16.73
N THR D 66 -3.62 36.32 -16.89
CA THR D 66 -4.33 35.72 -15.77
C THR D 66 -4.01 34.23 -15.75
N LEU D 67 -3.57 33.78 -14.59
CA LEU D 67 -3.33 32.36 -14.34
C LEU D 67 -4.46 31.87 -13.44
N HIS D 68 -4.79 30.57 -13.53
CA HIS D 68 -5.87 30.00 -12.74
C HIS D 68 -5.30 29.09 -11.66
N LEU D 69 -6.00 29.06 -10.51
CA LEU D 69 -5.56 28.32 -9.33
C LEU D 69 -6.61 27.27 -8.98
N VAL D 70 -6.19 26.00 -9.05
CA VAL D 70 -6.97 24.84 -8.67
C VAL D 70 -6.24 24.17 -7.51
N LEU D 71 -6.96 23.55 -6.58
CA LEU D 71 -6.38 23.23 -5.28
C LEU D 71 -6.12 21.73 -5.12
N ARG D 72 -4.90 21.40 -4.67
CA ARG D 72 -4.55 20.02 -4.35
C ARG D 72 -5.51 19.51 -3.26
N LEU D 73 -5.32 19.98 -2.03
CA LEU D 73 -6.15 19.56 -0.90
C LEU D 73 -6.07 18.05 -0.78
N ARG D 74 -5.04 17.61 -0.04
CA ARG D 74 -4.83 16.19 0.20
C ARG D 74 -5.53 15.79 1.50
N GLY D 75 -6.78 16.24 1.68
CA GLY D 75 -7.51 16.01 2.92
C GLY D 75 -8.75 16.91 3.05
N GLY D 76 -8.63 18.17 2.60
CA GLY D 76 -9.77 19.04 2.33
C GLY D 76 -10.44 19.59 3.58
N SER E 5 40.48 -1.11 11.96
CA SER E 5 41.38 -2.04 11.22
C SER E 5 41.24 -3.44 11.81
N ILE E 6 41.86 -3.71 12.97
CA ILE E 6 41.82 -5.05 13.55
C ILE E 6 40.44 -5.33 14.15
N LEU E 7 39.78 -6.36 13.62
CA LEU E 7 38.55 -6.92 14.19
C LEU E 7 38.95 -8.23 14.90
N ASP E 8 38.67 -8.35 16.21
CA ASP E 8 39.22 -9.45 17.01
C ASP E 8 38.55 -10.77 16.66
N PRO E 9 39.05 -11.93 17.12
CA PRO E 9 38.43 -13.20 16.76
C PRO E 9 36.94 -13.38 17.04
N GLU E 10 36.38 -12.70 18.06
CA GLU E 10 34.97 -12.84 18.39
C GLU E 10 34.08 -12.20 17.32
N VAL E 11 34.44 -10.99 16.88
CA VAL E 11 33.73 -10.34 15.79
C VAL E 11 33.73 -11.23 14.53
N LEU E 12 34.89 -11.82 14.21
CA LEU E 12 35.05 -12.58 12.97
C LEU E 12 34.27 -13.89 13.05
N LYS E 13 34.18 -14.44 14.27
CA LYS E 13 33.38 -15.62 14.55
C LYS E 13 31.93 -15.30 14.20
N VAL E 14 31.48 -14.10 14.59
CA VAL E 14 30.12 -13.70 14.31
C VAL E 14 29.96 -13.51 12.80
N ALA E 15 30.94 -12.89 12.13
CA ALA E 15 30.90 -12.72 10.68
C ALA E 15 30.73 -14.08 9.96
N GLU E 16 31.44 -15.09 10.46
CA GLU E 16 31.34 -16.44 9.93
C GLU E 16 29.93 -16.99 10.10
N TYR E 17 29.32 -16.77 11.28
CA TYR E 17 27.94 -17.17 11.48
C TYR E 17 27.00 -16.47 10.49
N VAL E 18 27.20 -15.16 10.36
CA VAL E 18 26.28 -14.36 9.57
C VAL E 18 26.44 -14.76 8.10
N TYR E 19 27.69 -15.08 7.71
CA TYR E 19 28.03 -15.46 6.35
C TYR E 19 27.35 -16.78 5.98
N GLN E 20 27.51 -17.77 6.87
CA GLN E 20 26.98 -19.11 6.67
C GLN E 20 25.45 -19.09 6.73
N GLU E 21 24.88 -18.29 7.65
CA GLU E 21 23.46 -18.42 7.93
C GLU E 21 22.62 -17.57 6.97
N ARG E 22 23.18 -16.46 6.47
CA ARG E 22 22.40 -15.43 5.80
C ARG E 22 23.12 -14.95 4.53
N LEU E 23 24.30 -14.34 4.65
CA LEU E 23 24.90 -13.65 3.52
C LEU E 23 25.27 -14.57 2.37
N SER E 24 25.53 -15.86 2.62
CA SER E 24 25.85 -16.81 1.55
C SER E 24 24.59 -17.38 0.91
N LYS E 25 23.40 -17.14 1.49
CA LYS E 25 22.20 -17.80 1.02
C LYS E 25 21.67 -17.07 -0.20
N PRO E 26 21.10 -17.79 -1.19
CA PRO E 26 20.25 -17.17 -2.22
C PRO E 26 19.12 -16.31 -1.62
N TYR E 27 18.86 -15.18 -2.26
CA TYR E 27 17.64 -14.43 -2.04
C TYR E 27 16.46 -15.34 -2.37
N THR E 28 15.38 -15.26 -1.59
CA THR E 28 14.22 -16.14 -1.77
C THR E 28 13.04 -15.41 -2.40
N GLU E 29 13.01 -14.07 -2.35
CA GLU E 29 11.85 -13.36 -2.88
C GLU E 29 12.11 -12.96 -4.35
N VAL E 30 12.16 -13.98 -5.22
CA VAL E 30 12.71 -13.84 -6.55
C VAL E 30 11.91 -14.78 -7.41
N GLY E 31 12.19 -14.74 -8.71
CA GLY E 31 11.46 -15.55 -9.66
C GLY E 31 10.26 -14.81 -10.24
N PRO E 32 9.49 -15.53 -11.09
CA PRO E 32 8.32 -14.94 -11.74
C PRO E 32 7.31 -14.41 -10.72
N GLU E 33 7.23 -15.04 -9.54
CA GLU E 33 6.23 -14.60 -8.57
C GLU E 33 6.56 -13.24 -7.98
N TRP E 34 7.75 -12.68 -8.25
CA TRP E 34 8.15 -11.44 -7.61
C TRP E 34 8.57 -10.40 -8.64
N GLU E 35 8.26 -10.67 -9.92
CA GLU E 35 8.40 -9.69 -10.99
C GLU E 35 7.32 -8.63 -10.76
N TYR E 36 7.58 -7.41 -11.20
CA TYR E 36 6.62 -6.33 -11.00
C TYR E 36 6.43 -5.60 -12.32
N ASN E 37 5.16 -5.31 -12.63
CA ASN E 37 4.77 -4.42 -13.71
C ASN E 37 3.85 -3.35 -13.12
N HIS E 38 4.29 -2.08 -13.14
CA HIS E 38 3.53 -0.98 -12.56
C HIS E 38 2.09 -0.92 -13.11
N LYS E 39 1.97 -1.22 -14.41
CA LYS E 39 0.70 -1.21 -15.09
C LYS E 39 -0.19 -2.35 -14.66
N THR E 40 0.35 -3.42 -14.07
CA THR E 40 -0.54 -4.45 -13.52
C THR E 40 -0.13 -4.68 -12.07
N PRO E 41 -0.53 -3.78 -11.18
CA PRO E 41 -0.07 -3.77 -9.80
C PRO E 41 -0.32 -5.07 -9.05
N TYR E 42 -1.38 -5.79 -9.40
CA TYR E 42 -1.79 -6.88 -8.52
C TYR E 42 -1.54 -8.23 -9.19
N ALA E 43 -0.66 -8.27 -10.19
CA ALA E 43 -0.45 -9.49 -10.96
C ALA E 43 0.37 -10.55 -10.19
N THR E 44 1.18 -10.16 -9.20
CA THR E 44 2.25 -11.03 -8.71
C THR E 44 2.32 -10.87 -7.20
N ARG E 45 3.24 -11.54 -6.53
CA ARG E 45 3.39 -11.26 -5.13
C ARG E 45 4.07 -9.91 -4.90
N ALA E 46 5.01 -9.47 -5.74
CA ALA E 46 5.69 -8.19 -5.53
C ALA E 46 4.71 -7.02 -5.43
N THR E 47 4.99 -6.05 -4.55
CA THR E 47 4.28 -4.78 -4.58
C THR E 47 5.24 -3.64 -4.98
N GLY E 48 6.34 -4.00 -5.61
CA GLY E 48 7.17 -3.03 -6.27
C GLY E 48 8.30 -3.71 -7.02
N THR E 49 9.15 -2.82 -7.55
CA THR E 49 10.25 -3.18 -8.44
C THR E 49 11.45 -3.64 -7.64
N GLY E 50 12.38 -4.36 -8.32
CA GLY E 50 13.72 -4.64 -7.84
C GLY E 50 13.98 -6.10 -7.45
N HIS E 51 12.92 -6.88 -7.25
CA HIS E 51 13.10 -8.19 -6.64
C HIS E 51 14.08 -9.06 -7.42
N ASN E 52 14.16 -8.87 -8.78
CA ASN E 52 14.94 -9.78 -9.60
C ASN E 52 16.22 -9.15 -10.12
N LEU E 53 16.68 -8.07 -9.50
CA LEU E 53 17.96 -7.47 -9.84
C LEU E 53 19.09 -8.15 -9.09
N GLN E 54 20.13 -8.52 -9.83
CA GLN E 54 21.45 -8.78 -9.29
C GLN E 54 21.40 -9.86 -8.21
N ARG E 55 20.75 -10.95 -8.55
CA ARG E 55 20.47 -11.98 -7.59
C ARG E 55 21.74 -12.75 -7.25
N PHE E 56 22.62 -12.93 -8.26
CA PHE E 56 23.88 -13.61 -8.09
C PHE E 56 24.72 -13.31 -9.33
N ILE E 57 26.04 -13.47 -9.21
CA ILE E 57 26.88 -13.45 -10.40
C ILE E 57 27.65 -14.76 -10.41
N THR E 58 28.10 -15.22 -11.58
CA THR E 58 28.91 -16.42 -11.67
C THR E 58 30.35 -16.02 -11.93
N ILE E 59 31.27 -16.54 -11.10
CA ILE E 59 32.69 -16.27 -11.22
C ILE E 59 33.36 -17.64 -11.27
N ASP E 60 34.05 -17.94 -12.38
CA ASP E 60 34.76 -19.19 -12.49
C ASP E 60 33.84 -20.35 -12.10
N ASP E 61 32.64 -20.38 -12.70
CA ASP E 61 31.75 -21.51 -12.56
C ASP E 61 31.20 -21.57 -11.13
N GLN E 62 31.30 -20.50 -10.34
CA GLN E 62 30.76 -20.46 -8.99
C GLN E 62 29.82 -19.27 -8.81
N ARG E 63 28.57 -19.51 -8.42
CA ARG E 63 27.58 -18.46 -8.21
C ARG E 63 27.81 -17.75 -6.89
N LEU E 64 28.04 -16.43 -6.96
CA LEU E 64 28.16 -15.60 -5.77
C LEU E 64 26.83 -14.89 -5.59
N HIS E 65 26.09 -15.30 -4.54
CA HIS E 65 24.77 -14.77 -4.26
C HIS E 65 24.89 -13.38 -3.66
N ARG E 66 23.85 -12.61 -3.94
CA ARG E 66 23.57 -11.33 -3.35
C ARG E 66 24.82 -10.49 -3.38
N PRO E 67 25.48 -10.38 -4.56
CA PRO E 67 26.74 -9.65 -4.68
C PRO E 67 26.73 -8.18 -4.26
N ILE E 68 25.59 -7.50 -4.33
CA ILE E 68 25.59 -6.09 -3.95
C ILE E 68 25.55 -5.95 -2.42
N HIS E 69 24.92 -6.92 -1.72
CA HIS E 69 24.67 -6.85 -0.28
C HIS E 69 25.14 -8.14 0.41
N GLY E 70 26.37 -8.54 0.09
CA GLY E 70 26.97 -9.77 0.58
C GLY E 70 28.03 -9.49 1.64
N LEU E 71 28.96 -10.45 1.76
CA LEU E 71 30.04 -10.38 2.74
C LEU E 71 30.87 -9.10 2.58
N ALA E 72 31.23 -8.76 1.34
CA ALA E 72 32.20 -7.68 1.10
C ALA E 72 31.59 -6.34 1.50
N HIS E 73 30.38 -6.10 1.00
CA HIS E 73 29.64 -4.91 1.37
C HIS E 73 29.63 -4.78 2.89
N THR E 74 29.19 -5.85 3.59
CA THR E 74 28.99 -5.82 5.05
C THR E 74 30.30 -5.50 5.78
N MET E 75 31.34 -6.23 5.40
CA MET E 75 32.61 -6.16 6.08
C MET E 75 33.22 -4.78 5.92
N ARG E 76 33.07 -4.17 4.74
CA ARG E 76 33.56 -2.82 4.54
C ARG E 76 33.03 -1.87 5.61
N THR E 77 31.75 -2.00 5.96
CA THR E 77 31.11 -1.05 6.86
C THR E 77 31.77 -1.11 8.24
N LEU E 78 32.28 -2.29 8.67
CA LEU E 78 32.96 -2.39 9.93
C LEU E 78 34.24 -1.54 9.91
N PHE E 79 34.92 -1.53 8.75
CA PHE E 79 36.19 -0.82 8.62
C PHE E 79 35.92 0.68 8.61
N TYR E 80 34.84 1.12 7.94
CA TYR E 80 34.46 2.52 7.92
C TYR E 80 34.09 3.07 9.30
N SER E 81 33.27 2.32 10.07
CA SER E 81 32.89 2.74 11.41
C SER E 81 34.10 2.80 12.35
N GLN E 82 35.06 1.89 12.20
CA GLN E 82 36.29 1.93 13.00
C GLN E 82 37.09 3.19 12.70
N LEU E 83 37.20 3.50 11.41
CA LEU E 83 37.96 4.66 11.00
C LEU E 83 37.28 5.94 11.48
N MET E 84 35.96 6.06 11.29
CA MET E 84 35.22 7.26 11.65
C MET E 84 35.13 7.44 13.17
N TYR E 85 35.18 6.35 13.94
CA TYR E 85 35.29 6.41 15.40
C TYR E 85 36.45 7.34 15.78
N GLU E 86 37.63 7.06 15.20
CA GLU E 86 38.85 7.80 15.50
C GLU E 86 38.79 9.21 14.90
N ALA E 87 38.19 9.33 13.71
CA ALA E 87 37.97 10.64 13.10
C ALA E 87 37.17 11.51 14.05
N ALA E 88 36.14 10.92 14.66
CA ALA E 88 35.28 11.62 15.59
C ALA E 88 36.07 12.09 16.82
N LYS E 89 37.02 11.27 17.29
CA LYS E 89 37.79 11.58 18.49
C LYS E 89 38.70 12.78 18.24
N ARG E 90 38.96 13.06 16.95
CA ARG E 90 39.81 14.19 16.59
C ARG E 90 39.01 15.48 16.53
N GLN E 91 37.69 15.42 16.62
CA GLN E 91 36.87 16.61 16.48
C GLN E 91 36.61 17.20 17.86
N PRO E 92 36.83 18.52 18.08
CA PRO E 92 36.58 19.10 19.38
C PRO E 92 35.08 19.24 19.72
N HIS E 93 34.24 19.34 18.68
CA HIS E 93 32.81 19.53 18.89
C HIS E 93 32.05 18.59 17.96
N PRO E 94 32.04 17.27 18.23
CA PRO E 94 31.49 16.31 17.28
C PRO E 94 29.99 16.48 17.28
N HIS E 95 29.37 16.04 16.18
CA HIS E 95 27.94 16.15 15.94
C HIS E 95 27.21 15.46 17.10
N ARG E 96 26.28 16.17 17.72
CA ARG E 96 25.47 15.64 18.82
C ARG E 96 24.19 15.08 18.24
N CYS E 97 23.90 13.82 18.56
CA CYS E 97 22.78 13.08 17.99
C CYS E 97 21.57 13.35 18.90
N ALA E 98 20.38 12.89 18.51
CA ALA E 98 19.17 13.29 19.17
C ALA E 98 19.12 12.70 20.57
N ASP E 99 19.95 11.67 20.83
CA ASP E 99 20.07 11.12 22.17
C ASP E 99 21.00 11.96 23.06
N GLY E 100 21.42 13.16 22.60
CA GLY E 100 22.42 13.98 23.32
C GLY E 100 23.88 13.47 23.17
N ARG E 101 24.17 12.41 22.41
CA ARG E 101 25.49 11.79 22.41
C ARG E 101 26.19 11.93 21.07
N THR E 102 27.52 11.73 21.06
CA THR E 102 28.31 11.72 19.82
C THR E 102 29.01 10.38 19.59
N ILE E 103 29.59 10.25 18.39
CA ILE E 103 30.36 9.07 18.06
C ILE E 103 31.50 8.86 19.04
N ALA E 104 32.14 9.96 19.48
CA ALA E 104 33.23 9.94 20.46
C ALA E 104 32.78 9.44 21.84
N ASP E 105 31.48 9.34 22.11
CA ASP E 105 31.00 8.93 23.41
C ASP E 105 30.93 7.41 23.54
N LEU E 106 31.09 6.69 22.42
CA LEU E 106 31.19 5.24 22.46
C LEU E 106 32.56 4.82 23.00
N SER E 107 32.55 3.80 23.86
CA SER E 107 33.77 3.12 24.24
C SER E 107 34.20 2.22 23.09
N VAL E 108 35.39 1.65 23.21
CA VAL E 108 35.88 0.65 22.27
C VAL E 108 35.04 -0.61 22.38
N GLN E 109 34.53 -0.91 23.58
CA GLN E 109 33.74 -2.12 23.78
C GLN E 109 32.39 -1.93 23.07
N ASP E 110 31.89 -0.68 23.09
CA ASP E 110 30.69 -0.28 22.36
C ASP E 110 30.91 -0.45 20.86
N LEU E 111 32.10 -0.08 20.40
CA LEU E 111 32.39 -0.15 18.96
C LEU E 111 32.40 -1.61 18.51
N LYS E 112 32.79 -2.51 19.42
CA LYS E 112 32.85 -3.94 19.13
C LYS E 112 31.43 -4.45 18.97
N LYS E 113 30.54 -4.00 19.84
CA LYS E 113 29.13 -4.32 19.77
C LYS E 113 28.52 -3.77 18.48
N LEU E 114 28.88 -2.54 18.15
CA LEU E 114 28.33 -1.87 17.00
C LEU E 114 28.74 -2.65 15.74
N ASN E 115 30.01 -3.02 15.71
CA ASN E 115 30.59 -3.83 14.65
C ASN E 115 29.75 -5.09 14.45
N ILE E 116 29.42 -5.76 15.55
CA ILE E 116 28.64 -6.98 15.49
C ILE E 116 27.25 -6.69 14.91
N ALA E 117 26.61 -5.61 15.38
CA ALA E 117 25.28 -5.26 14.87
C ALA E 117 25.36 -4.97 13.38
N GLN E 118 26.43 -4.27 12.97
CA GLN E 118 26.67 -3.99 11.57
C GLN E 118 26.67 -5.29 10.77
N LEU E 119 27.17 -6.39 11.31
CA LEU E 119 27.19 -7.61 10.53
C LEU E 119 25.78 -8.00 10.07
N PHE E 120 24.76 -7.58 10.84
CA PHE E 120 23.39 -8.02 10.55
C PHE E 120 22.58 -7.00 9.73
N PHE E 121 23.17 -5.87 9.32
CA PHE E 121 22.42 -4.70 8.89
C PHE E 121 21.65 -5.00 7.60
N VAL E 122 22.26 -5.70 6.65
CA VAL E 122 21.53 -6.10 5.45
C VAL E 122 21.32 -7.61 5.39
N ALA E 123 21.58 -8.32 6.49
CA ALA E 123 21.49 -9.76 6.49
C ALA E 123 20.05 -10.26 6.31
N GLY E 124 19.04 -9.46 6.68
CA GLY E 124 17.65 -9.88 6.51
C GLY E 124 17.12 -9.78 5.07
N ARG E 125 17.87 -9.20 4.14
CA ARG E 125 17.38 -9.04 2.78
C ARG E 125 16.99 -10.38 2.13
N GLU E 126 15.84 -10.38 1.40
CA GLU E 126 15.41 -11.54 0.63
C GLU E 126 15.36 -11.23 -0.86
N SER E 127 15.94 -10.07 -1.24
CA SER E 127 16.14 -9.67 -2.61
C SER E 127 16.77 -8.29 -2.60
N GLU E 128 16.99 -7.74 -3.81
CA GLU E 128 17.40 -6.36 -3.97
C GLU E 128 16.21 -5.38 -3.94
N ALA E 129 14.98 -5.85 -3.75
CA ALA E 129 13.86 -4.93 -3.77
C ALA E 129 14.16 -3.82 -2.80
N SER E 130 13.64 -2.65 -3.15
CA SER E 130 14.14 -1.31 -2.85
C SER E 130 13.06 -0.50 -2.13
N TYR E 131 11.80 -0.77 -2.49
CA TYR E 131 10.65 0.00 -2.08
C TYR E 131 10.49 -0.21 -0.58
N GLY E 132 9.74 0.71 0.01
CA GLY E 132 9.57 0.85 1.44
C GLY E 132 9.12 -0.41 2.16
N ASP E 133 8.03 -1.06 1.75
CA ASP E 133 7.60 -2.27 2.44
C ASP E 133 8.73 -3.32 2.37
N ALA E 134 9.41 -3.49 1.22
CA ALA E 134 10.46 -4.50 1.12
C ALA E 134 11.64 -4.12 2.01
N TYR E 135 12.06 -2.85 1.93
CA TYR E 135 13.16 -2.28 2.71
C TYR E 135 12.89 -2.50 4.22
N HIS E 136 11.73 -2.06 4.70
CA HIS E 136 11.39 -2.21 6.11
C HIS E 136 11.23 -3.68 6.56
N ARG E 137 10.66 -4.57 5.75
CA ARG E 137 10.58 -5.97 6.14
C ARG E 137 11.98 -6.56 6.27
N TYR E 138 12.87 -6.22 5.33
CA TYR E 138 14.19 -6.83 5.29
C TYR E 138 14.98 -6.34 6.52
N HIS E 139 14.82 -5.07 6.89
CA HIS E 139 15.58 -4.54 8.02
C HIS E 139 14.99 -5.08 9.33
N LEU E 140 13.69 -5.34 9.36
CA LEU E 140 13.07 -5.98 10.52
C LEU E 140 13.60 -7.41 10.66
N TYR E 141 13.70 -8.12 9.54
CA TYR E 141 14.22 -9.46 9.53
C TYR E 141 15.66 -9.50 10.07
N GLY E 142 16.52 -8.62 9.55
CA GLY E 142 17.89 -8.49 10.02
C GLY E 142 17.96 -8.29 11.53
N ALA E 143 17.04 -7.41 12.01
CA ALA E 143 17.02 -7.01 13.40
C ALA E 143 16.71 -8.21 14.30
N LYS E 144 15.77 -9.05 13.85
CA LYS E 144 15.34 -10.23 14.60
C LYS E 144 16.36 -11.36 14.49
N GLN E 145 17.07 -11.44 13.36
CA GLN E 145 18.17 -12.37 13.20
C GLN E 145 19.31 -11.98 14.14
N PHE E 146 19.56 -10.68 14.29
CA PHE E 146 20.56 -10.21 15.25
C PHE E 146 20.14 -10.54 16.68
N GLU E 147 18.88 -10.28 17.02
CA GLU E 147 18.37 -10.49 18.36
C GLU E 147 18.43 -11.98 18.73
N ALA E 148 18.07 -12.84 17.79
CA ALA E 148 18.00 -14.28 18.08
C ALA E 148 19.41 -14.77 18.41
N TYR E 149 20.39 -14.29 17.63
CA TYR E 149 21.74 -14.76 17.80
C TYR E 149 22.27 -14.20 19.11
N ALA E 150 21.99 -12.90 19.36
CA ALA E 150 22.58 -12.19 20.49
C ALA E 150 22.09 -12.79 21.80
N ARG E 151 20.79 -13.11 21.88
CA ARG E 151 20.17 -13.63 23.09
C ARG E 151 20.57 -15.08 23.40
N LYS E 152 20.95 -15.85 22.39
CA LYS E 152 21.52 -17.15 22.65
C LYS E 152 23.02 -17.07 22.92
N HIS E 153 23.81 -16.32 22.12
CA HIS E 153 25.25 -16.54 22.12
C HIS E 153 26.08 -15.32 22.51
N LEU E 154 25.47 -14.18 22.90
CA LEU E 154 26.26 -12.98 23.15
C LEU E 154 25.88 -12.33 24.48
N THR E 155 25.14 -13.04 25.36
CA THR E 155 24.66 -12.45 26.60
C THR E 155 25.78 -12.22 27.62
N HIS E 156 26.98 -12.74 27.35
CA HIS E 156 28.17 -12.49 28.15
C HIS E 156 28.74 -11.11 27.79
N LEU E 157 28.23 -10.52 26.68
CA LEU E 157 28.87 -9.32 26.15
C LEU E 157 27.87 -8.16 26.02
N PHE E 158 26.69 -8.41 25.45
CA PHE E 158 25.60 -7.44 25.34
C PHE E 158 24.63 -7.61 26.50
N SER E 159 24.20 -6.49 27.09
CA SER E 159 23.08 -6.48 28.02
C SER E 159 21.79 -6.53 27.21
N GLU E 160 20.66 -6.84 27.87
CA GLU E 160 19.34 -6.87 27.24
C GLU E 160 19.07 -5.55 26.51
N LYS E 161 19.34 -4.46 27.22
CA LYS E 161 19.04 -3.12 26.78
C LYS E 161 19.83 -2.80 25.51
N GLU E 162 21.06 -3.32 25.45
CA GLU E 162 21.93 -3.09 24.28
C GLU E 162 21.45 -3.92 23.08
N ILE E 163 20.93 -5.12 23.31
CA ILE E 163 20.35 -5.92 22.25
C ILE E 163 19.13 -5.19 21.70
N VAL E 164 18.28 -4.64 22.58
CA VAL E 164 17.13 -3.88 22.11
C VAL E 164 17.57 -2.65 21.29
N LEU E 165 18.54 -1.87 21.78
CA LEU E 165 19.05 -0.69 21.06
C LEU E 165 19.62 -1.04 19.70
N TYR E 166 20.54 -2.01 19.63
CA TYR E 166 21.19 -2.40 18.39
C TYR E 166 20.18 -2.99 17.43
N SER E 167 19.26 -3.79 17.94
CA SER E 167 18.16 -4.29 17.11
C SER E 167 17.37 -3.15 16.44
N ARG E 168 16.96 -2.16 17.24
CA ARG E 168 16.25 -1.01 16.75
C ARG E 168 17.10 -0.29 15.70
N CYS E 169 18.42 -0.14 15.93
CA CYS E 169 19.29 0.47 14.95
C CYS E 169 19.20 -0.28 13.62
N ILE E 170 19.16 -1.62 13.65
CA ILE E 170 19.19 -2.40 12.43
C ILE E 170 17.83 -2.27 11.74
N GLU E 171 16.78 -2.17 12.57
CA GLU E 171 15.43 -2.13 12.08
C GLU E 171 15.20 -0.91 11.18
N ASP E 172 15.81 0.23 11.52
CA ASP E 172 15.68 1.45 10.73
C ASP E 172 14.21 1.84 10.57
N ARG E 173 13.56 1.99 11.69
CA ARG E 173 12.17 2.30 11.80
C ARG E 173 11.84 3.67 11.17
N ILE E 174 10.73 3.74 10.44
CA ILE E 174 10.35 4.87 9.60
C ILE E 174 10.48 6.19 10.36
N GLY E 175 9.93 6.28 11.57
CA GLY E 175 9.92 7.55 12.28
C GLY E 175 11.18 7.84 13.10
N ASP E 176 12.29 7.08 12.90
CA ASP E 176 13.55 7.34 13.60
C ASP E 176 14.45 8.23 12.76
N ARG E 177 15.14 9.18 13.35
CA ARG E 177 16.10 10.00 12.63
C ARG E 177 17.34 9.19 12.26
N PHE E 178 18.01 9.70 11.21
CA PHE E 178 19.26 9.13 10.78
C PHE E 178 20.22 9.16 11.98
N ASP E 179 20.11 10.22 12.80
CA ASP E 179 20.99 10.45 13.94
C ASP E 179 20.22 10.39 15.25
N GLU E 180 19.21 9.51 15.29
CA GLU E 180 18.45 9.28 16.52
C GLU E 180 19.43 8.93 17.65
N THR E 181 20.44 8.13 17.33
CA THR E 181 21.32 7.60 18.35
C THR E 181 22.75 7.66 17.82
N ALA E 182 23.75 7.80 18.70
CA ALA E 182 25.12 7.79 18.24
C ALA E 182 25.43 6.45 17.55
N GLU E 183 24.90 5.36 18.10
CA GLU E 183 25.08 4.02 17.53
C GLU E 183 24.49 3.93 16.12
N GLY E 184 23.24 4.32 15.99
CA GLY E 184 22.50 4.28 14.74
C GLY E 184 23.13 5.19 13.70
N TYR E 185 23.64 6.34 14.13
CA TYR E 185 24.24 7.29 13.20
C TYR E 185 25.48 6.70 12.52
N LEU E 186 26.35 6.08 13.32
CA LEU E 186 27.59 5.48 12.88
C LEU E 186 27.27 4.33 11.91
N ILE E 187 26.20 3.58 12.19
CA ILE E 187 25.78 2.46 11.36
C ILE E 187 25.28 2.99 10.00
N HIS E 188 24.50 4.08 10.04
CA HIS E 188 23.96 4.68 8.82
C HIS E 188 25.05 5.31 7.97
N LEU E 189 25.97 6.05 8.63
CA LEU E 189 27.10 6.71 7.99
C LEU E 189 27.99 5.66 7.30
N SER E 190 28.17 4.51 7.95
CA SER E 190 28.98 3.46 7.39
C SER E 190 28.31 2.92 6.12
N HIS E 191 27.00 2.68 6.18
CA HIS E 191 26.24 2.23 5.01
C HIS E 191 26.29 3.27 3.90
N MET E 192 26.17 4.56 4.27
CA MET E 192 26.18 5.68 3.33
C MET E 192 27.47 5.67 2.48
N ILE E 193 28.61 5.46 3.13
CA ILE E 193 29.91 5.56 2.47
C ILE E 193 29.93 4.52 1.35
N ASP E 194 29.47 3.30 1.66
CA ASP E 194 29.61 2.21 0.71
C ASP E 194 28.82 2.50 -0.56
N LEU E 195 27.79 3.36 -0.48
CA LEU E 195 26.95 3.72 -1.62
C LEU E 195 27.72 4.40 -2.76
N MET E 196 28.89 4.99 -2.47
CA MET E 196 29.66 5.65 -3.52
C MET E 196 29.98 4.71 -4.68
N ARG E 197 29.98 3.40 -4.43
CA ARG E 197 30.36 2.43 -5.46
C ARG E 197 29.31 2.41 -6.58
N CYS E 198 28.09 2.88 -6.30
CA CYS E 198 27.01 2.70 -7.26
C CYS E 198 26.17 3.96 -7.45
N LYS E 199 26.73 5.12 -7.12
CA LYS E 199 25.96 6.36 -7.19
C LYS E 199 26.69 7.37 -8.07
N SER E 200 25.90 8.20 -8.75
CA SER E 200 26.42 9.16 -9.70
C SER E 200 27.10 10.31 -8.96
N PRO E 201 27.92 11.17 -9.63
CA PRO E 201 28.61 12.25 -8.94
C PRO E 201 27.65 13.22 -8.24
N VAL E 202 26.38 13.28 -8.69
CA VAL E 202 25.41 14.20 -8.08
C VAL E 202 25.09 13.72 -6.66
N GLU E 203 24.80 12.43 -6.52
CA GLU E 203 24.46 11.86 -5.22
C GLU E 203 25.67 11.94 -4.28
N VAL E 204 26.87 11.71 -4.83
CA VAL E 204 28.09 11.63 -4.02
C VAL E 204 28.59 13.01 -3.60
N PHE E 205 28.51 14.04 -4.48
CA PHE E 205 29.22 15.29 -4.23
C PHE E 205 28.28 16.50 -4.09
N ILE E 206 27.05 16.43 -4.60
CA ILE E 206 26.22 17.63 -4.65
C ILE E 206 24.93 17.43 -3.85
N GLY E 207 24.29 16.26 -3.93
CA GLY E 207 22.99 16.04 -3.30
C GLY E 207 21.86 16.22 -4.32
N HIS E 208 20.84 15.36 -4.28
CA HIS E 208 19.65 15.59 -5.09
C HIS E 208 18.76 16.62 -4.39
N SER E 209 18.45 17.71 -5.11
CA SER E 209 17.63 18.81 -4.61
C SER E 209 18.32 19.53 -3.45
N ARG E 210 17.91 20.80 -3.28
CA ARG E 210 18.24 21.70 -2.17
C ARG E 210 18.69 21.02 -0.87
N GLY E 211 17.88 20.11 -0.30
CA GLY E 211 17.94 19.79 1.12
C GLY E 211 19.17 19.01 1.57
N VAL E 212 19.47 17.91 0.87
CA VAL E 212 20.39 16.88 1.36
C VAL E 212 21.80 17.16 0.83
N SER E 213 22.81 16.89 1.67
CA SER E 213 24.14 17.46 1.52
C SER E 213 24.97 16.74 0.47
N GLY E 214 24.74 15.43 0.23
CA GLY E 214 25.63 14.66 -0.60
C GLY E 214 26.63 13.94 0.30
N ILE E 215 27.10 12.78 -0.16
CA ILE E 215 27.81 11.84 0.70
C ILE E 215 29.11 12.46 1.22
N VAL E 216 29.88 13.02 0.28
CA VAL E 216 31.22 13.43 0.61
C VAL E 216 31.12 14.72 1.41
N PRO E 217 30.28 15.70 1.01
CA PRO E 217 30.01 16.87 1.86
C PRO E 217 29.56 16.53 3.27
N THR E 218 28.77 15.47 3.44
CA THR E 218 28.40 14.98 4.77
C THR E 218 29.67 14.63 5.57
N LEU E 219 30.58 13.84 4.99
CA LEU E 219 31.85 13.55 5.64
C LEU E 219 32.65 14.82 5.95
N ILE E 220 32.53 15.86 5.11
CA ILE E 220 33.32 17.07 5.26
C ILE E 220 32.79 17.92 6.43
N GLN E 221 31.46 17.95 6.58
CA GLN E 221 30.81 18.67 7.67
C GLN E 221 31.21 18.03 8.99
N LEU E 222 31.24 16.70 9.02
CA LEU E 222 31.46 15.97 10.27
C LEU E 222 32.92 15.98 10.67
N PHE E 223 33.82 15.69 9.71
CA PHE E 223 35.19 15.34 10.04
C PHE E 223 36.21 16.35 9.49
N GLY E 224 35.74 17.35 8.73
CA GLY E 224 36.61 18.34 8.11
C GLY E 224 37.04 17.87 6.73
N ARG E 225 37.62 18.75 5.90
CA ARG E 225 37.94 18.41 4.52
C ARG E 225 39.05 17.35 4.45
N GLU E 226 40.05 17.44 5.34
CA GLU E 226 41.23 16.58 5.31
C GLU E 226 40.80 15.16 5.65
N ASP E 227 40.20 14.96 6.84
CA ASP E 227 39.78 13.64 7.28
C ASP E 227 38.62 13.13 6.42
N GLY E 228 37.74 14.04 5.99
CA GLY E 228 36.63 13.66 5.13
C GLY E 228 37.10 12.99 3.83
N LEU E 229 38.03 13.66 3.13
CA LEU E 229 38.53 13.17 1.86
C LEU E 229 39.38 11.92 2.07
N ASP E 230 40.13 11.87 3.17
CA ASP E 230 40.87 10.66 3.53
C ASP E 230 39.90 9.47 3.59
N ILE E 231 38.80 9.62 4.33
CA ILE E 231 37.86 8.52 4.52
C ILE E 231 37.27 8.13 3.15
N MET E 232 36.93 9.13 2.31
CA MET E 232 36.45 8.91 0.96
C MET E 232 37.47 8.05 0.19
N HIS E 233 38.76 8.42 0.25
CA HIS E 233 39.78 7.72 -0.52
C HIS E 233 39.99 6.30 0.00
N TYR E 234 39.99 6.14 1.33
CA TYR E 234 40.13 4.83 1.93
C TYR E 234 39.00 3.88 1.47
N ALA E 235 37.76 4.39 1.45
CA ALA E 235 36.62 3.59 1.02
C ALA E 235 36.77 3.18 -0.44
N ARG E 236 37.19 4.14 -1.27
CA ARG E 236 37.49 3.84 -2.67
C ARG E 236 38.52 2.71 -2.75
N SER E 237 39.53 2.68 -1.88
CA SER E 237 40.54 1.64 -2.01
C SER E 237 40.00 0.33 -1.45
N LEU E 238 39.01 0.37 -0.55
CA LEU E 238 38.42 -0.86 -0.06
C LEU E 238 37.54 -1.45 -1.16
N PHE E 239 36.94 -0.59 -1.99
CA PHE E 239 36.23 -1.05 -3.16
C PHE E 239 37.18 -1.87 -4.05
N ALA E 240 38.31 -1.25 -4.37
CA ALA E 240 39.35 -1.83 -5.21
C ALA E 240 39.88 -3.12 -4.60
N ALA E 241 40.16 -3.11 -3.29
CA ALA E 241 40.64 -4.31 -2.63
C ALA E 241 39.69 -5.49 -2.83
N THR E 242 38.38 -5.23 -2.78
CA THR E 242 37.39 -6.30 -2.86
C THR E 242 36.86 -6.47 -4.28
N GLY E 243 37.46 -5.75 -5.24
CA GLY E 243 37.30 -6.09 -6.65
C GLY E 243 36.13 -5.37 -7.28
N GLU E 244 35.52 -4.45 -6.53
CA GLU E 244 34.39 -3.71 -7.06
C GLU E 244 34.89 -2.58 -7.94
N ALA E 245 34.03 -2.13 -8.85
CA ALA E 245 34.39 -1.00 -9.68
C ALA E 245 34.50 0.26 -8.82
N VAL E 246 35.43 1.13 -9.17
CA VAL E 246 35.59 2.42 -8.49
C VAL E 246 35.12 3.48 -9.49
N PRO E 247 34.10 4.32 -9.17
CA PRO E 247 33.71 5.41 -10.08
C PRO E 247 34.82 6.44 -10.22
N TYR E 248 34.87 7.12 -11.38
CA TYR E 248 35.74 8.27 -11.56
C TYR E 248 35.16 9.41 -10.72
N ILE E 249 35.99 10.42 -10.47
CA ILE E 249 35.55 11.71 -9.94
C ILE E 249 36.09 12.79 -10.89
N SER E 250 35.23 13.73 -11.31
CA SER E 250 35.68 14.92 -12.03
C SER E 250 34.85 16.14 -11.64
N SER E 251 35.43 17.01 -10.81
CA SER E 251 34.74 18.21 -10.35
C SER E 251 34.56 19.20 -11.50
N SER E 252 35.50 19.18 -12.46
CA SER E 252 35.40 20.05 -13.62
C SER E 252 34.19 19.65 -14.46
N GLU E 253 33.68 18.43 -14.24
CA GLU E 253 32.52 17.96 -14.97
C GLU E 253 31.21 18.33 -14.25
N TRP E 254 31.28 18.73 -12.98
CA TRP E 254 30.07 18.98 -12.21
C TRP E 254 29.14 20.02 -12.84
N PRO E 255 29.65 21.09 -13.51
CA PRO E 255 28.76 22.03 -14.21
C PRO E 255 27.93 21.45 -15.35
N HIS E 256 28.16 20.18 -15.74
CA HIS E 256 27.54 19.62 -16.93
C HIS E 256 26.63 18.44 -16.60
N LEU E 257 26.12 18.38 -15.35
CA LEU E 257 25.36 17.22 -14.88
C LEU E 257 23.89 17.56 -14.60
N GLY E 258 23.45 18.72 -15.08
CA GLY E 258 22.08 19.18 -14.89
C GLY E 258 21.83 19.74 -13.49
N ILE E 259 22.86 20.29 -12.83
CA ILE E 259 22.66 20.90 -11.53
C ILE E 259 22.92 22.39 -11.64
N GLU E 260 22.22 23.15 -10.80
CA GLU E 260 22.13 24.60 -10.90
C GLU E 260 23.43 25.22 -10.40
N SER E 261 23.98 26.16 -11.17
CA SER E 261 25.14 26.95 -10.76
C SER E 261 25.30 27.03 -9.24
N ASP E 262 24.24 27.50 -8.57
CA ASP E 262 24.23 27.68 -7.13
C ASP E 262 24.92 26.51 -6.42
N ARG E 263 24.42 25.30 -6.67
CA ARG E 263 24.77 24.14 -5.85
C ARG E 263 26.13 23.59 -6.29
N VAL E 264 26.44 23.74 -7.58
CA VAL E 264 27.72 23.29 -8.08
C VAL E 264 28.80 24.09 -7.36
N GLU E 265 28.57 25.40 -7.21
CA GLU E 265 29.51 26.28 -6.50
C GLU E 265 29.69 25.86 -5.05
N ARG E 266 28.57 25.58 -4.37
CA ARG E 266 28.54 25.11 -2.99
C ARG E 266 29.39 23.85 -2.83
N ALA E 267 29.21 22.85 -3.70
CA ALA E 267 29.93 21.60 -3.59
C ALA E 267 31.43 21.82 -3.81
N LEU E 268 31.75 22.68 -4.79
CA LEU E 268 33.13 23.02 -5.10
C LEU E 268 33.78 23.70 -3.90
N LYS E 269 33.01 24.56 -3.21
CA LYS E 269 33.48 25.28 -2.04
C LYS E 269 33.81 24.31 -0.90
N ILE E 270 32.97 23.29 -0.73
CA ILE E 270 33.13 22.37 0.40
C ILE E 270 34.22 21.36 0.07
N VAL E 271 34.14 20.78 -1.12
CA VAL E 271 34.91 19.60 -1.44
C VAL E 271 36.28 20.00 -1.99
N GLY E 272 36.35 21.11 -2.73
CA GLY E 272 37.51 21.42 -3.55
C GLY E 272 37.55 20.57 -4.80
N SER E 273 38.58 20.70 -5.62
CA SER E 273 38.64 20.05 -6.92
C SER E 273 39.17 18.64 -6.76
N LEU E 274 38.53 17.69 -7.45
CA LEU E 274 38.95 16.30 -7.44
C LEU E 274 38.95 15.78 -8.88
N GLU E 275 40.10 15.25 -9.28
CA GLU E 275 40.25 14.53 -10.53
C GLU E 275 40.86 13.18 -10.18
N VAL E 276 40.03 12.12 -10.27
CA VAL E 276 40.48 10.78 -9.94
C VAL E 276 39.86 9.81 -10.94
N GLU E 277 40.69 8.89 -11.40
CA GLU E 277 40.30 7.91 -12.41
C GLU E 277 39.42 6.83 -11.77
N GLY E 278 38.47 6.34 -12.58
CA GLY E 278 37.72 5.14 -12.25
C GLY E 278 38.55 3.90 -12.56
N GLN E 279 38.00 2.73 -12.28
CA GLN E 279 38.70 1.46 -12.38
C GLN E 279 37.64 0.38 -12.38
N GLU E 280 37.62 -0.50 -13.41
CA GLU E 280 36.57 -1.50 -13.59
C GLU E 280 36.66 -2.57 -12.51
N ALA E 281 35.63 -3.39 -12.42
CA ALA E 281 35.57 -4.47 -11.42
C ALA E 281 36.65 -5.50 -11.73
N ASP E 282 37.11 -6.21 -10.69
CA ASP E 282 37.96 -7.38 -10.89
C ASP E 282 37.26 -8.61 -10.32
N ALA E 283 36.99 -9.58 -11.19
CA ALA E 283 36.26 -10.78 -10.88
C ALA E 283 36.94 -11.62 -9.81
N LYS E 284 38.27 -11.77 -9.88
CA LYS E 284 38.96 -12.67 -8.96
C LYS E 284 38.95 -12.07 -7.56
N LYS E 285 39.16 -10.75 -7.47
CA LYS E 285 39.15 -10.05 -6.20
C LYS E 285 37.76 -10.14 -5.58
N THR E 286 36.74 -10.01 -6.45
CA THR E 286 35.34 -10.04 -6.05
C THR E 286 35.02 -11.44 -5.52
N ALA E 287 35.49 -12.47 -6.22
CA ALA E 287 35.22 -13.82 -5.75
C ALA E 287 35.88 -14.03 -4.40
N GLN E 288 37.11 -13.52 -4.24
CA GLN E 288 37.87 -13.82 -3.03
C GLN E 288 37.34 -13.02 -1.84
N ALA E 289 36.73 -11.85 -2.09
CA ALA E 289 36.11 -11.03 -1.05
C ALA E 289 34.71 -11.54 -0.69
N GLY E 290 34.08 -12.29 -1.61
CA GLY E 290 32.67 -12.63 -1.47
C GLY E 290 32.47 -14.02 -0.89
N PHE E 291 33.51 -14.88 -0.92
CA PHE E 291 33.27 -16.31 -0.68
C PHE E 291 33.77 -16.78 0.69
N SER E 292 34.47 -15.96 1.47
CA SER E 292 34.84 -16.43 2.80
C SER E 292 35.26 -15.26 3.69
N VAL E 293 35.06 -15.41 5.00
CA VAL E 293 35.39 -14.36 5.95
C VAL E 293 36.89 -14.08 5.89
N ASP E 294 37.71 -15.14 5.92
CA ASP E 294 39.16 -15.03 5.91
C ASP E 294 39.64 -14.33 4.65
N GLY E 295 39.12 -14.78 3.50
CA GLY E 295 39.35 -14.10 2.24
C GLY E 295 39.07 -12.60 2.32
N CYS E 296 37.87 -12.25 2.78
CA CYS E 296 37.41 -10.88 2.71
C CYS E 296 38.15 -10.01 3.75
N TYR E 297 38.25 -10.50 4.99
CA TYR E 297 38.96 -9.76 6.02
C TYR E 297 40.43 -9.57 5.60
N GLY E 298 41.03 -10.62 5.03
CA GLY E 298 42.43 -10.55 4.67
C GLY E 298 42.67 -9.52 3.57
N ALA E 299 41.75 -9.46 2.61
CA ALA E 299 41.86 -8.49 1.54
C ALA E 299 41.73 -7.08 2.11
N LEU E 300 40.85 -6.88 3.11
CA LEU E 300 40.53 -5.55 3.60
C LEU E 300 41.60 -5.01 4.57
N VAL E 301 42.00 -5.79 5.58
CA VAL E 301 42.90 -5.31 6.63
C VAL E 301 44.23 -4.90 6.01
N LYS E 302 44.64 -5.55 4.92
CA LYS E 302 45.90 -5.21 4.25
C LYS E 302 45.93 -3.74 3.84
N ILE E 303 44.76 -3.15 3.53
CA ILE E 303 44.73 -1.84 2.90
C ILE E 303 45.00 -0.78 3.95
N ASP E 304 45.89 0.14 3.56
CA ASP E 304 46.47 1.07 4.50
C ASP E 304 45.40 2.15 4.75
N THR E 305 45.36 2.63 6.00
CA THR E 305 44.47 3.68 6.45
C THR E 305 45.17 5.02 6.33
N PRO E 306 44.46 6.16 6.54
CA PRO E 306 45.10 7.48 6.65
C PRO E 306 46.18 7.51 7.74
N ASP E 307 47.15 8.43 7.59
CA ASP E 307 48.31 8.55 8.48
C ASP E 307 47.90 8.67 9.95
N TRP E 308 46.86 9.47 10.19
CA TRP E 308 46.44 9.86 11.53
C TRP E 308 45.77 8.70 12.26
N TYR E 309 45.50 7.59 11.56
CA TYR E 309 44.63 6.58 12.12
C TYR E 309 45.40 5.70 13.09
N HIS E 310 44.94 5.64 14.34
CA HIS E 310 45.55 4.82 15.37
C HIS E 310 44.47 4.18 16.24
N GLN E 311 44.19 2.90 15.97
CA GLN E 311 43.21 2.12 16.69
C GLN E 311 43.61 1.96 18.16
N VAL E 312 42.68 2.22 19.10
CA VAL E 312 42.91 2.04 20.53
C VAL E 312 42.87 0.54 20.87
N MET F 1 22.51 17.83 -31.72
CA MET F 1 23.46 18.25 -30.66
C MET F 1 24.23 17.03 -30.18
N GLN F 2 25.27 17.26 -29.37
CA GLN F 2 26.10 16.20 -28.81
C GLN F 2 25.84 16.09 -27.30
N ILE F 3 25.50 14.87 -26.81
CA ILE F 3 25.49 14.56 -25.39
C ILE F 3 26.52 13.45 -25.14
N PHE F 4 26.91 13.26 -23.86
CA PHE F 4 27.81 12.19 -23.44
C PHE F 4 27.06 11.26 -22.49
N VAL F 5 27.23 9.93 -22.66
CA VAL F 5 26.68 8.95 -21.75
C VAL F 5 27.83 8.12 -21.20
N LYS F 6 27.98 8.09 -19.87
CA LYS F 6 29.13 7.49 -19.21
C LYS F 6 28.70 6.47 -18.15
N THR F 7 29.42 5.33 -18.12
CA THR F 7 29.36 4.43 -16.99
C THR F 7 29.92 5.22 -15.81
N LEU F 8 29.71 4.69 -14.60
CA LEU F 8 30.20 5.37 -13.42
C LEU F 8 31.73 5.25 -13.39
N THR F 9 32.30 4.27 -14.09
CA THR F 9 33.74 4.18 -14.21
C THR F 9 34.25 5.22 -15.20
N GLY F 10 33.39 5.62 -16.15
CA GLY F 10 33.66 6.79 -16.98
C GLY F 10 33.93 6.45 -18.46
N LYS F 11 33.71 5.18 -18.83
CA LYS F 11 33.60 4.78 -20.23
C LYS F 11 32.55 5.65 -20.93
N THR F 12 32.96 6.31 -22.03
CA THR F 12 32.14 7.34 -22.62
C THR F 12 31.70 6.95 -24.03
N ILE F 13 30.42 7.22 -24.30
CA ILE F 13 29.85 7.08 -25.62
C ILE F 13 29.14 8.40 -25.88
N THR F 14 29.27 8.86 -27.12
CA THR F 14 28.78 10.16 -27.53
C THR F 14 27.64 9.96 -28.51
N LEU F 15 26.51 10.66 -28.30
CA LEU F 15 25.29 10.48 -29.09
C LEU F 15 24.93 11.80 -29.75
N GLU F 16 24.43 11.69 -30.98
CA GLU F 16 23.85 12.83 -31.67
C GLU F 16 22.34 12.75 -31.46
N VAL F 17 21.76 13.83 -30.93
CA VAL F 17 20.35 13.80 -30.57
C VAL F 17 19.77 15.20 -30.71
N GLU F 18 18.44 15.24 -30.73
CA GLU F 18 17.68 16.48 -30.77
C GLU F 18 16.79 16.51 -29.54
N PRO F 19 16.29 17.71 -29.13
CA PRO F 19 15.54 17.85 -27.88
C PRO F 19 14.20 17.10 -27.82
N SER F 20 13.60 16.85 -28.99
CA SER F 20 12.32 16.16 -29.09
C SER F 20 12.44 14.67 -28.77
N ASP F 21 13.64 14.09 -28.88
CA ASP F 21 13.83 12.65 -28.77
C ASP F 21 13.37 12.14 -27.41
N THR F 22 12.81 10.92 -27.38
CA THR F 22 12.32 10.35 -26.13
C THR F 22 13.48 9.61 -25.48
N ILE F 23 13.31 9.22 -24.22
CA ILE F 23 14.34 8.48 -23.51
C ILE F 23 14.39 7.06 -24.07
N GLU F 24 13.21 6.53 -24.39
CA GLU F 24 13.03 5.31 -25.17
C GLU F 24 13.92 5.34 -26.41
N ASN F 25 13.89 6.43 -27.16
CA ASN F 25 14.73 6.57 -28.35
C ASN F 25 16.20 6.63 -27.97
N VAL F 26 16.56 7.31 -26.89
CA VAL F 26 17.97 7.39 -26.55
C VAL F 26 18.51 6.00 -26.20
N LYS F 27 17.69 5.19 -25.52
CA LYS F 27 18.08 3.84 -25.20
C LYS F 27 18.27 3.03 -26.47
N ALA F 28 17.37 3.19 -27.45
CA ALA F 28 17.49 2.50 -28.72
C ALA F 28 18.81 2.86 -29.37
N LYS F 29 19.24 4.12 -29.19
CA LYS F 29 20.43 4.66 -29.84
C LYS F 29 21.67 4.07 -29.20
N ILE F 30 21.68 4.02 -27.88
CA ILE F 30 22.77 3.38 -27.15
C ILE F 30 22.87 1.91 -27.55
N GLN F 31 21.72 1.24 -27.72
CA GLN F 31 21.69 -0.14 -28.18
C GLN F 31 22.41 -0.30 -29.51
N ASP F 32 22.12 0.54 -30.52
CA ASP F 32 22.69 0.38 -31.85
C ASP F 32 24.20 0.60 -31.81
N LYS F 33 24.69 1.46 -30.91
CA LYS F 33 26.12 1.73 -30.75
C LYS F 33 26.84 0.60 -30.01
N GLU F 34 26.44 0.37 -28.76
CA GLU F 34 27.16 -0.54 -27.87
C GLU F 34 26.54 -1.94 -27.81
N GLY F 35 25.30 -2.08 -28.29
CA GLY F 35 24.60 -3.35 -28.26
C GLY F 35 24.15 -3.74 -26.87
N ILE F 36 23.87 -2.75 -26.01
CA ILE F 36 23.29 -2.99 -24.70
C ILE F 36 21.76 -2.92 -24.78
N PRO F 37 21.04 -3.99 -24.42
CA PRO F 37 19.57 -4.00 -24.50
C PRO F 37 18.99 -2.84 -23.70
N PRO F 38 17.97 -2.11 -24.24
CA PRO F 38 17.31 -1.02 -23.53
C PRO F 38 16.85 -1.35 -22.11
N ASP F 39 16.39 -2.60 -21.88
CA ASP F 39 15.88 -3.07 -20.59
C ASP F 39 17.01 -3.23 -19.56
N GLN F 40 18.29 -3.32 -20.01
CA GLN F 40 19.45 -3.30 -19.12
C GLN F 40 19.98 -1.89 -18.81
N GLN F 41 19.37 -0.83 -19.36
CA GLN F 41 19.92 0.52 -19.28
C GLN F 41 19.15 1.37 -18.28
N ABA F 42 19.84 2.00 -17.33
CA ABA F 42 19.27 3.08 -16.54
C ABA F 42 20.03 4.39 -16.80
O ABA F 42 21.20 4.51 -16.48
CB ABA F 42 19.01 2.85 -15.04
CG ABA F 42 19.31 3.63 -13.76
H ABA F 42 20.71 1.76 -17.17
HG1 ABA F 42 20.24 3.95 -13.74
HG2 ABA F 42 18.73 4.40 -13.66
N LEU F 43 19.34 5.39 -17.33
CA LEU F 43 19.97 6.67 -17.58
C LEU F 43 19.74 7.62 -16.41
N ILE F 44 20.78 8.38 -16.06
CA ILE F 44 20.75 9.30 -14.93
C ILE F 44 21.12 10.68 -15.45
N PHE F 45 20.52 11.71 -14.88
CA PHE F 45 20.93 13.07 -15.14
C PHE F 45 20.38 13.91 -14.00
N ALA F 46 21.22 14.78 -13.44
CA ALA F 46 20.86 15.53 -12.24
C ALA F 46 20.55 14.57 -11.08
N GLY F 47 21.20 13.39 -11.07
CA GLY F 47 21.06 12.40 -10.00
C GLY F 47 19.69 11.72 -9.97
N LYS F 48 18.84 11.99 -11.00
CA LYS F 48 17.49 11.43 -11.09
C LYS F 48 17.39 10.46 -12.28
N GLN F 49 16.67 9.34 -12.06
CA GLN F 49 16.44 8.33 -13.08
C GLN F 49 15.52 8.92 -14.12
N LEU F 50 15.84 8.70 -15.40
CA LEU F 50 15.09 9.28 -16.51
C LEU F 50 14.01 8.30 -16.97
N GLU F 51 12.81 8.82 -17.22
CA GLU F 51 11.62 8.02 -17.49
C GLU F 51 11.41 7.98 -19.00
N ASP F 52 11.08 6.78 -19.53
CA ASP F 52 11.26 6.45 -20.94
C ASP F 52 10.43 7.35 -21.89
N GLY F 53 9.23 7.76 -21.44
CA GLY F 53 8.26 8.46 -22.27
C GLY F 53 8.65 9.91 -22.58
N ARG F 54 9.32 10.57 -21.62
CA ARG F 54 9.68 11.98 -21.69
C ARG F 54 10.79 12.28 -22.71
N THR F 55 11.01 13.57 -23.00
CA THR F 55 12.02 13.99 -23.97
C THR F 55 13.19 14.67 -23.28
N LEU F 56 14.29 14.87 -24.03
CA LEU F 56 15.54 15.43 -23.49
C LEU F 56 15.35 16.87 -23.04
N SER F 57 14.48 17.63 -23.71
CA SER F 57 14.25 19.02 -23.33
C SER F 57 13.60 19.07 -21.93
N ASP F 58 12.85 18.02 -21.55
CA ASP F 58 12.16 17.98 -20.27
C ASP F 58 13.16 18.01 -19.12
N TYR F 59 14.25 17.25 -19.29
CA TYR F 59 15.29 17.15 -18.28
C TYR F 59 16.38 18.21 -18.57
N ASN F 60 16.09 19.16 -19.46
CA ASN F 60 17.01 20.22 -19.86
C ASN F 60 18.38 19.66 -20.25
N ILE F 61 18.36 18.53 -20.95
CA ILE F 61 19.57 17.99 -21.56
C ILE F 61 19.86 18.86 -22.79
N GLN F 62 21.09 19.38 -22.86
CA GLN F 62 21.55 20.16 -23.99
C GLN F 62 22.94 19.68 -24.40
N LYS F 63 23.52 20.34 -25.40
CA LYS F 63 24.89 20.12 -25.81
C LYS F 63 25.75 19.82 -24.58
N GLU F 64 26.62 18.81 -24.68
CA GLU F 64 27.66 18.51 -23.70
C GLU F 64 27.10 18.18 -22.30
N SER F 65 25.82 17.80 -22.21
CA SER F 65 25.30 17.16 -21.00
C SER F 65 25.97 15.81 -20.81
N THR F 66 26.49 15.52 -19.62
CA THR F 66 26.85 14.15 -19.31
C THR F 66 25.68 13.50 -18.61
N LEU F 67 25.14 12.47 -19.26
CA LEU F 67 24.23 11.51 -18.64
C LEU F 67 25.07 10.36 -18.08
N HIS F 68 24.55 9.66 -17.06
CA HIS F 68 25.18 8.47 -16.54
C HIS F 68 24.33 7.23 -16.87
N LEU F 69 25.02 6.12 -17.13
CA LEU F 69 24.39 4.86 -17.49
C LEU F 69 24.83 3.81 -16.49
N VAL F 70 23.89 3.01 -15.98
CA VAL F 70 24.23 2.21 -14.83
C VAL F 70 24.28 0.72 -15.15
N LEU F 71 23.29 0.14 -15.84
CA LEU F 71 23.32 -1.30 -16.09
C LEU F 71 22.42 -1.96 -15.04
N ARG F 72 21.32 -2.57 -15.50
CA ARG F 72 20.43 -3.23 -14.56
C ARG F 72 21.13 -4.50 -14.06
N LEU F 73 20.86 -5.65 -14.70
CA LEU F 73 21.30 -6.92 -14.14
C LEU F 73 22.14 -7.59 -15.22
O1 A1H50 G . -17.56 -13.83 9.30
C2 A1H50 G . -16.32 -13.44 8.72
C3 A1H50 G . -15.37 -14.63 8.66
C4 A1H50 G . -14.76 -14.56 10.03
O5 A1H50 G . -14.44 -13.16 10.17
C6 A1H50 G . -15.53 -12.45 9.60
O7 A1H50 G . -16.35 -11.91 10.58
C8 A1H50 G . -15.72 -10.99 11.49
C9 A1H50 G . -16.61 -9.81 11.63
C10 A1H50 G . -17.82 -9.69 12.26
N11 A1H50 G . -18.24 -8.44 11.96
N12 A1H50 G . -17.34 -7.80 11.20
N13 A1H50 G . -16.34 -8.65 11.00
C17 A1H50 G . -13.51 -15.38 10.23
O18 A1H50 G . -12.69 -14.69 11.21
S19 A1H50 G . -12.10 -15.48 12.42
O20 A1H50 G . -11.97 -16.85 12.03
C21 A1H50 G . -13.37 -15.26 13.63
C22 A1H50 G . -12.82 -15.36 15.05
O26 A1H50 G . -10.93 -14.81 12.87
O27 A1H50 G . -15.99 -15.90 8.41
H1 A1H50 G . -17.55 -14.64 9.42
H2 A1H50 G . -16.53 -13.06 7.85
H3 A1H50 G . -14.70 -14.46 7.98
H4 A1H50 G . -15.41 -14.80 10.72
H6 A1H50 G . -15.16 -11.73 9.04
H8B A1H50 G . -15.60 -11.41 12.36
H8A A1H50 G . -14.86 -10.71 11.14
H10 A1H50 G . -18.33 -10.32 12.81
H17B A1H50 G . -13.76 -16.28 10.55
H17A A1H50 G . -13.04 -15.49 9.39
H21B A1H50 G . -13.79 -14.40 13.45
H21A A1H50 G . -14.01 -15.98 13.45
H27 A1H50 G . -16.91 -15.77 8.33
O1 A1H50 H . -5.21 16.98 -13.75
C2 A1H50 H . -5.85 16.54 -12.56
C3 A1H50 H . -7.34 16.18 -12.77
C4 A1H50 H . -8.04 17.26 -11.92
O5 A1H50 H . -7.13 17.51 -10.83
C6 A1H50 H . -5.87 17.62 -11.48
O7 A1H50 H . -5.70 18.86 -12.10
C8 A1H50 H . -5.33 19.96 -11.25
C9 A1H50 H . -4.01 20.53 -11.64
C10 A1H50 H . -3.49 21.76 -11.35
N11 A1H50 H . -2.21 21.69 -11.76
N12 A1H50 H . -1.94 20.50 -12.30
N13 A1H50 H . -3.04 19.79 -12.23
C17 A1H50 H . -9.42 16.92 -11.40
O18 A1H50 H . -10.36 17.24 -12.49
S19 A1H50 H . -11.06 16.11 -13.33
O20 A1H50 H . -10.97 16.54 -14.68
C21 A1H50 H . -12.69 16.33 -12.70
C22 A1H50 H . -12.94 17.81 -12.40
O26 A1H50 H . -10.48 14.88 -12.98
O27 A1H50 H . -7.72 16.12 -14.15
H1 A1H50 H . -5.65 16.71 -14.34
H2 A1H50 H . -5.33 15.76 -12.27
H3 A1H50 H . -7.51 15.30 -12.37
H4 A1H50 H . -8.12 18.08 -12.46
H6 A1H50 H . -5.17 17.45 -10.83
H8B A1H50 H . -6.01 20.66 -11.31
H8A A1H50 H . -5.27 19.66 -10.32
H10 A1H50 H . -3.89 22.56 -10.94
H17B A1H50 H . -9.47 15.97 -11.15
H17A A1H50 H . -9.61 17.45 -10.61
H21B A1H50 H . -13.30 15.99 -13.38
H21A A1H50 H . -12.77 15.76 -11.90
H27 A1H50 H . -6.93 16.24 -14.58
O1 A1H50 I . 18.95 4.39 -6.67
C2 A1H50 I . 18.79 3.07 -6.18
C3 A1H50 I . 20.11 2.29 -6.07
C4 A1H50 I . 19.74 0.89 -6.56
O5 A1H50 I . 18.30 0.89 -6.76
C6 A1H50 I . 18.01 2.21 -7.17
O7 A1H50 I . 18.49 2.49 -8.45
C8 A1H50 I . 18.08 1.50 -9.38
C9 A1H50 I . 18.57 1.84 -10.75
C10 A1H50 I . 18.64 3.04 -11.39
N11 A1H50 I . 19.10 2.75 -12.62
N12 A1H50 I . 19.31 1.43 -12.75
N13 A1H50 I . 18.98 0.87 -11.61
C17 A1H50 I . 20.16 -0.21 -5.61
O18 A1H50 I . 21.63 -0.21 -5.62
S19 A1H50 I . 22.45 0.22 -4.34
O20 A1H50 I . 22.47 -0.93 -3.52
C21 A1H50 I . 24.07 0.47 -5.00
C22 A1H50 I . 24.17 1.89 -5.58
O26 A1H50 I . 22.01 1.46 -3.80
O27 A1H50 I . 21.18 2.84 -6.84
H1 A1H50 I . 19.99 4.57 -6.76
H2 A1H50 I . 18.32 3.16 -5.33
H3 A1H50 I . 20.38 2.28 -5.13
H4 A1H50 I . 20.16 0.72 -7.42
H6 A1H50 I . 17.04 2.37 -7.09
H8B A1H50 I . 18.47 0.63 -9.14
H8A A1H50 I . 17.12 1.43 -9.39
H10 A1H50 I . 18.44 3.95 -11.09
H17B A1H50 I . 19.82 -0.04 -4.71
H17A A1H50 I . 19.80 -1.06 -5.90
H21B A1H50 I . 24.66 0.31 -4.24
H21A A1H50 I . 24.21 -0.22 -5.67
H27 A1H50 I . 20.96 3.59 -7.25
#